data_4YZD
#
_entry.id   4YZD
#
_cell.length_a   191.751
_cell.length_b   122.492
_cell.length_c   77.876
_cell.angle_alpha   90.00
_cell.angle_beta   107.07
_cell.angle_gamma   90.00
#
_symmetry.space_group_name_H-M   'C 1 2 1'
#
loop_
_entity.id
_entity.type
_entity.pdbx_description
1 polymer 'Serine/threonine-protein kinase/endoribonuclease IRE1'
2 non-polymer 'MAGNESIUM ION'
3 non-polymer "ADENOSINE-5'-DIPHOSPHATE"
4 water water
#
_entity_poly.entity_id   1
_entity_poly.type   'polypeptide(L)'
_entity_poly.pdbx_seq_one_letter_code
;SVVIVGKISFCPKDVLGHGAEGTIVYRGMFDNRDVAVKRILPECFSFADREVQLLRESDEHPNVIRYFCTEKDRQFQYIA
IELCAATLQEYVEQKDFAHLGLEPITLLQQTTSGLAHLHSLNIVHRDLKPHNILISMPNAHGKIKAMISDFGLCKKLAVG
RHSFSRRSGVPGTEGWIAPEMLSEDCKENPTYTVDIFSAGCVFYYVISEGSHPFGKSLQRQANILLGACSLDCLHPEKHE
DVIARELIEKMIAMDPQKRPSAKHVLKHPFFWSLEKQLQFFQDVSDRIEKESLDGPIVKQLERGGRAVVKMDWRENITVP
LQTDLRKFRTYKGGSVRDLLRAMRNKKHHYRELPAEVRETLGSLPDDFVCYFTSRFPHLLAHTYRAMELCSHERLFQPYY
FHEPP
;
_entity_poly.pdbx_strand_id   A,B,C
#
# COMPACT_ATOMS: atom_id res chain seq x y z
N VAL A 2 0.98 27.73 -46.94
CA VAL A 2 1.92 27.15 -45.98
C VAL A 2 2.44 28.21 -45.02
N VAL A 3 1.75 28.39 -43.89
CA VAL A 3 2.14 29.41 -42.92
C VAL A 3 3.46 28.98 -42.26
N ILE A 4 4.33 29.95 -42.02
CA ILE A 4 5.57 29.70 -41.30
C ILE A 4 5.74 30.82 -40.27
N VAL A 5 5.69 30.45 -39.00
CA VAL A 5 6.05 31.34 -37.90
C VAL A 5 7.21 30.67 -37.18
N GLY A 6 8.40 31.25 -37.31
CA GLY A 6 9.60 30.60 -36.81
C GLY A 6 9.48 30.36 -35.31
N LYS A 7 9.82 29.18 -34.81
CA LYS A 7 10.44 28.08 -35.57
C LYS A 7 9.41 27.07 -36.11
N ILE A 8 8.14 27.30 -35.82
CA ILE A 8 7.08 26.34 -36.11
C ILE A 8 6.66 26.45 -37.58
N SER A 9 6.32 25.32 -38.18
CA SER A 9 5.93 25.26 -39.59
C SER A 9 4.72 24.34 -39.71
N PHE A 10 3.63 24.85 -40.26
CA PHE A 10 2.41 24.08 -40.50
C PHE A 10 1.76 24.56 -41.79
N CYS A 11 0.90 23.72 -42.35
CA CYS A 11 0.11 24.09 -43.53
C CYS A 11 -1.37 23.91 -43.25
N PRO A 12 -2.23 24.82 -43.69
CA PRO A 12 -3.68 24.62 -43.57
C PRO A 12 -4.14 23.49 -44.48
N LYS A 13 -5.38 23.06 -44.23
CA LYS A 13 -6.03 21.92 -44.85
C LYS A 13 -5.53 20.60 -44.27
N ASP A 14 -4.50 20.64 -43.43
CA ASP A 14 -4.04 19.50 -42.66
C ASP A 14 -4.74 19.41 -41.30
N VAL A 15 -5.74 20.25 -41.06
CA VAL A 15 -6.31 20.45 -39.73
C VAL A 15 -6.67 19.11 -39.11
N LEU A 16 -6.16 18.87 -37.90
CA LEU A 16 -6.45 17.67 -37.14
C LEU A 16 -7.78 17.76 -36.41
N GLY A 17 -8.13 18.94 -35.89
CA GLY A 17 -9.39 19.11 -35.21
C GLY A 17 -9.59 20.55 -34.78
N HIS A 18 -10.85 20.87 -34.48
CA HIS A 18 -11.24 22.16 -33.95
C HIS A 18 -11.52 22.05 -32.45
N GLY A 19 -11.04 23.03 -31.70
CA GLY A 19 -11.15 23.08 -30.26
C GLY A 19 -12.28 23.99 -29.80
N ALA A 20 -12.07 24.61 -28.64
CA ALA A 20 -12.97 25.60 -28.08
C ALA A 20 -12.39 27.00 -28.23
N GLU A 21 -13.28 27.98 -28.40
CA GLU A 21 -12.89 29.39 -28.51
C GLU A 21 -12.01 29.62 -29.74
N GLY A 22 -12.39 29.02 -30.86
CA GLY A 22 -11.65 29.20 -32.10
C GLY A 22 -10.33 28.48 -32.17
N THR A 23 -10.01 27.68 -31.16
CA THR A 23 -8.76 26.93 -31.16
C THR A 23 -8.77 25.88 -32.27
N ILE A 24 -7.73 25.89 -33.10
CA ILE A 24 -7.58 24.93 -34.19
C ILE A 24 -6.20 24.26 -34.10
N VAL A 25 -6.15 22.96 -34.39
CA VAL A 25 -4.94 22.17 -34.33
C VAL A 25 -4.63 21.64 -35.72
N TYR A 26 -3.38 21.81 -36.16
CA TYR A 26 -2.95 21.40 -37.50
C TYR A 26 -1.81 20.39 -37.39
N ARG A 27 -1.63 19.64 -38.47
CA ARG A 27 -0.45 18.80 -38.62
C ARG A 27 0.68 19.63 -39.21
N GLY A 28 1.82 19.64 -38.55
CA GLY A 28 2.91 20.51 -38.92
C GLY A 28 4.23 19.92 -38.46
N MET A 29 5.29 20.72 -38.61
CA MET A 29 6.64 20.29 -38.29
C MET A 29 7.35 21.37 -37.48
N PHE A 30 7.81 20.99 -36.28
CA PHE A 30 8.60 21.89 -35.45
C PHE A 30 10.06 22.02 -35.91
N ASP A 31 10.78 20.90 -36.01
CA ASP A 31 12.16 20.98 -36.47
C ASP A 31 12.45 20.17 -37.73
N ASN A 32 12.73 18.88 -37.61
CA ASN A 32 12.68 17.94 -38.72
C ASN A 32 11.46 17.03 -38.65
N ARG A 33 10.61 17.23 -37.65
CA ARG A 33 9.72 16.19 -37.17
C ARG A 33 8.27 16.64 -37.14
N ASP A 34 7.39 15.76 -37.60
CA ASP A 34 5.97 16.07 -37.61
C ASP A 34 5.47 16.29 -36.18
N VAL A 35 4.78 17.41 -35.97
CA VAL A 35 4.22 17.78 -34.69
C VAL A 35 2.78 18.25 -34.91
N ALA A 36 2.05 18.38 -33.81
CA ALA A 36 0.71 18.95 -33.82
C ALA A 36 0.82 20.40 -33.37
N VAL A 37 0.34 21.32 -34.22
CA VAL A 37 0.41 22.74 -33.96
C VAL A 37 -0.99 23.23 -33.59
N LYS A 38 -1.12 23.78 -32.39
CA LYS A 38 -2.40 24.31 -31.90
C LYS A 38 -2.34 25.82 -31.93
N ARG A 39 -3.32 26.44 -32.61
CA ARG A 39 -3.44 27.88 -32.72
C ARG A 39 -4.55 28.36 -31.79
N ILE A 40 -4.20 29.22 -30.84
CA ILE A 40 -5.14 29.73 -29.86
C ILE A 40 -5.17 31.24 -29.95
N LEU A 41 -6.29 31.82 -29.54
CA LEU A 41 -6.43 33.27 -29.50
C LEU A 41 -5.96 33.77 -28.14
N PRO A 42 -4.93 34.63 -28.07
CA PRO A 42 -4.46 35.09 -26.75
C PRO A 42 -5.52 35.85 -25.97
N GLU A 43 -6.55 36.36 -26.63
CA GLU A 43 -7.65 36.99 -25.91
C GLU A 43 -8.46 35.95 -25.14
N CYS A 44 -8.47 34.71 -25.61
CA CYS A 44 -9.28 33.65 -25.01
C CYS A 44 -8.45 32.85 -24.00
N PHE A 45 -7.43 32.15 -24.50
CA PHE A 45 -6.59 31.27 -23.69
C PHE A 45 -5.23 31.93 -23.46
N SER A 46 -4.72 31.81 -22.25
CA SER A 46 -3.39 32.28 -21.90
C SER A 46 -2.52 31.07 -21.58
N PHE A 47 -1.37 31.00 -22.24
CA PHE A 47 -0.44 29.90 -22.06
C PHE A 47 0.46 30.20 -20.86
N ALA A 48 0.60 29.23 -19.97
CA ALA A 48 1.36 29.43 -18.74
C ALA A 48 2.80 29.05 -19.02
N ASP A 49 3.68 30.05 -19.06
CA ASP A 49 5.08 29.80 -19.41
C ASP A 49 5.83 29.20 -18.23
N ARG A 50 5.47 29.60 -17.00
CA ARG A 50 6.17 29.09 -15.83
C ARG A 50 5.87 27.61 -15.61
N GLU A 51 4.62 27.19 -15.83
CA GLU A 51 4.27 25.78 -15.62
C GLU A 51 4.94 24.89 -16.67
N VAL A 52 4.98 25.33 -17.92
CA VAL A 52 5.60 24.51 -18.96
C VAL A 52 7.10 24.43 -18.73
N GLN A 53 7.71 25.54 -18.33
CA GLN A 53 9.15 25.54 -18.06
C GLN A 53 9.51 24.64 -16.89
N LEU A 54 8.73 24.71 -15.80
CA LEU A 54 9.01 23.86 -14.64
C LEU A 54 8.96 22.38 -15.00
N LEU A 55 8.01 22.00 -15.85
CA LEU A 55 7.93 20.60 -16.24
C LEU A 55 9.11 20.22 -17.13
N ARG A 56 9.54 21.13 -18.00
CA ARG A 56 10.65 20.85 -18.89
C ARG A 56 11.97 20.74 -18.14
N GLU A 57 12.12 21.45 -17.01
CA GLU A 57 13.36 21.45 -16.24
C GLU A 57 13.49 20.24 -15.32
N SER A 58 12.49 19.37 -15.26
CA SER A 58 12.51 18.19 -14.41
C SER A 58 12.56 16.96 -15.30
N ASP A 59 12.61 15.79 -14.66
CA ASP A 59 12.58 14.55 -15.43
C ASP A 59 11.21 14.41 -16.08
N GLU A 60 11.22 14.22 -17.40
CA GLU A 60 9.98 14.11 -18.15
C GLU A 60 9.32 12.77 -17.93
N HIS A 61 8.02 12.80 -17.67
CA HIS A 61 7.20 11.61 -17.50
C HIS A 61 6.70 11.15 -18.87
N PRO A 62 6.82 9.86 -19.21
CA PRO A 62 6.45 9.43 -20.57
C PRO A 62 4.98 9.61 -20.90
N ASN A 63 4.12 9.57 -19.88
CA ASN A 63 2.69 9.68 -20.04
C ASN A 63 2.19 11.12 -19.91
N VAL A 64 3.10 12.09 -19.80
CA VAL A 64 2.78 13.50 -19.96
C VAL A 64 3.38 13.97 -21.27
N ILE A 65 2.58 14.68 -22.08
CA ILE A 65 2.97 15.05 -23.42
C ILE A 65 3.98 16.19 -23.39
N ARG A 66 4.81 16.26 -24.42
CA ARG A 66 5.83 17.29 -24.53
C ARG A 66 5.32 18.49 -25.32
N TYR A 67 5.59 19.69 -24.80
CA TYR A 67 5.38 20.93 -25.55
C TYR A 67 6.74 21.33 -26.09
N PHE A 68 6.90 21.23 -27.41
CA PHE A 68 8.21 21.49 -28.02
C PHE A 68 8.55 22.97 -28.03
N CYS A 69 7.69 23.80 -28.64
CA CYS A 69 7.98 25.21 -28.82
C CYS A 69 6.69 26.02 -28.74
N THR A 70 6.85 27.30 -28.41
CA THR A 70 5.74 28.25 -28.36
C THR A 70 6.14 29.49 -29.14
N GLU A 71 5.34 29.85 -30.13
CA GLU A 71 5.59 31.03 -30.97
C GLU A 71 4.33 31.87 -31.05
N LYS A 72 4.53 33.18 -31.14
CA LYS A 72 3.43 34.15 -31.24
C LYS A 72 3.57 34.95 -32.53
N ASP A 73 2.45 35.14 -33.22
CA ASP A 73 2.34 36.13 -34.28
C ASP A 73 1.34 37.19 -33.83
N ARG A 74 1.06 38.14 -34.71
CA ARG A 74 0.23 39.28 -34.33
C ARG A 74 -1.13 38.83 -33.83
N GLN A 75 -1.81 38.00 -34.62
CA GLN A 75 -3.19 37.63 -34.31
C GLN A 75 -3.27 36.49 -33.29
N PHE A 76 -2.38 35.50 -33.39
CA PHE A 76 -2.57 34.22 -32.72
C PHE A 76 -1.38 33.91 -31.81
N GLN A 77 -1.48 32.77 -31.12
CA GLN A 77 -0.39 32.18 -30.35
C GLN A 77 -0.32 30.70 -30.70
N TYR A 78 0.86 30.25 -31.11
CA TYR A 78 1.07 28.90 -31.60
C TYR A 78 1.81 28.06 -30.57
N ILE A 79 1.38 26.81 -30.42
CA ILE A 79 1.98 25.84 -29.51
C ILE A 79 2.16 24.54 -30.27
N ALA A 80 3.33 23.92 -30.12
CA ALA A 80 3.68 22.68 -30.79
C ALA A 80 3.75 21.53 -29.78
N ILE A 81 3.04 20.45 -30.08
CA ILE A 81 2.95 19.30 -29.18
C ILE A 81 3.16 18.02 -30.00
N GLU A 82 3.53 16.97 -29.28
CA GLU A 82 3.86 15.69 -29.90
C GLU A 82 2.69 15.20 -30.75
N LEU A 83 2.95 14.91 -32.02
CA LEU A 83 1.88 14.47 -32.90
C LEU A 83 1.40 13.09 -32.46
N CYS A 84 0.09 12.94 -32.29
CA CYS A 84 -0.52 11.72 -31.76
C CYS A 84 -1.50 11.14 -32.76
N ALA A 85 -1.79 9.85 -32.57
CA ALA A 85 -2.67 9.14 -33.50
C ALA A 85 -4.12 9.52 -33.29
N ALA A 86 -4.59 9.53 -32.05
CA ALA A 86 -5.99 9.80 -31.77
C ALA A 86 -6.15 10.21 -30.31
N THR A 87 -7.39 10.42 -29.90
CA THR A 87 -7.71 10.75 -28.53
C THR A 87 -8.30 9.52 -27.84
N LEU A 88 -8.60 9.66 -26.55
CA LEU A 88 -9.13 8.55 -25.78
C LEU A 88 -10.53 8.17 -26.25
N GLN A 89 -11.27 9.11 -26.83
CA GLN A 89 -12.60 8.80 -27.33
C GLN A 89 -12.52 7.74 -28.43
N GLU A 90 -11.61 7.93 -29.38
CA GLU A 90 -11.39 6.94 -30.42
C GLU A 90 -11.01 5.60 -29.82
N TYR A 91 -10.17 5.61 -28.79
CA TYR A 91 -9.77 4.36 -28.14
C TYR A 91 -10.99 3.62 -27.61
N VAL A 92 -11.88 4.35 -26.92
CA VAL A 92 -13.06 3.74 -26.32
C VAL A 92 -14.04 3.29 -27.39
N GLU A 93 -14.18 4.08 -28.45
CA GLU A 93 -15.09 3.74 -29.53
C GLU A 93 -14.50 2.67 -30.44
N GLN A 94 -13.18 2.50 -30.43
CA GLN A 94 -12.51 1.51 -31.26
C GLN A 94 -12.83 0.12 -30.73
N LYS A 95 -12.70 -0.88 -31.62
CA LYS A 95 -13.00 -2.25 -31.27
C LYS A 95 -11.86 -2.82 -30.41
N ASP A 96 -12.15 -3.89 -29.68
CA ASP A 96 -11.20 -4.37 -28.68
C ASP A 96 -9.91 -4.83 -29.34
N PHE A 97 -10.00 -5.49 -30.50
CA PHE A 97 -8.82 -5.94 -31.21
C PHE A 97 -7.98 -4.78 -31.75
N ALA A 98 -8.59 -3.61 -32.00
CA ALA A 98 -7.88 -2.49 -32.60
C ALA A 98 -6.94 -1.77 -31.63
N HIS A 99 -6.94 -2.12 -30.35
CA HIS A 99 -6.21 -1.30 -29.36
C HIS A 99 -4.69 -1.33 -29.54
N LEU A 100 -4.17 -2.19 -30.41
CA LEU A 100 -2.73 -2.28 -30.65
C LEU A 100 -1.94 -2.60 -29.38
N GLY A 101 -2.48 -3.47 -28.54
CA GLY A 101 -1.75 -3.93 -27.39
C GLY A 101 -1.82 -3.06 -26.16
N LEU A 102 -2.49 -1.91 -26.24
CA LEU A 102 -2.66 -1.05 -25.08
C LEU A 102 -3.96 -1.44 -24.40
N GLU A 103 -3.84 -1.91 -23.19
CA GLU A 103 -4.96 -2.40 -22.38
C GLU A 103 -5.59 -1.26 -21.58
N PRO A 104 -6.90 -1.37 -21.34
CA PRO A 104 -7.60 -0.25 -20.67
C PRO A 104 -7.08 0.04 -19.27
N ILE A 105 -6.75 -0.99 -18.49
CA ILE A 105 -6.28 -0.75 -17.12
C ILE A 105 -4.91 -0.07 -17.14
N THR A 106 -3.99 -0.56 -17.98
CA THR A 106 -2.68 0.07 -18.04
C THR A 106 -2.78 1.46 -18.64
N LEU A 107 -3.77 1.69 -19.49
CA LEU A 107 -4.01 3.02 -20.02
C LEU A 107 -4.42 3.99 -18.92
N LEU A 108 -5.41 3.61 -18.10
CA LEU A 108 -5.77 4.42 -16.94
C LEU A 108 -4.59 4.59 -16.00
N GLN A 109 -3.74 3.57 -15.89
CA GLN A 109 -2.56 3.69 -15.04
C GLN A 109 -1.60 4.75 -15.59
N GLN A 110 -1.32 4.68 -16.89
CA GLN A 110 -0.49 5.71 -17.52
C GLN A 110 -1.06 7.10 -17.30
N THR A 111 -2.38 7.25 -17.45
CA THR A 111 -3.03 8.54 -17.24
C THR A 111 -2.81 9.00 -15.80
N THR A 112 -3.14 8.14 -14.83
CA THR A 112 -3.01 8.50 -13.42
C THR A 112 -1.56 8.77 -13.04
N SER A 113 -0.61 8.07 -13.65
CA SER A 113 0.79 8.29 -13.32
C SER A 113 1.25 9.65 -13.81
N GLY A 114 0.99 9.97 -15.07
CA GLY A 114 1.31 11.29 -15.57
C GLY A 114 0.60 12.40 -14.81
N LEU A 115 -0.59 12.10 -14.28
CA LEU A 115 -1.31 13.10 -13.50
C LEU A 115 -0.65 13.30 -12.14
N ALA A 116 -0.11 12.22 -11.56
CA ALA A 116 0.64 12.35 -10.31
C ALA A 116 1.94 13.12 -10.53
N HIS A 117 2.51 13.05 -11.73
CA HIS A 117 3.76 13.77 -11.99
C HIS A 117 3.53 15.27 -12.01
N LEU A 118 2.38 15.70 -12.53
CA LEU A 118 2.04 17.10 -12.46
C LEU A 118 1.81 17.53 -11.02
N HIS A 119 0.98 16.77 -10.30
CA HIS A 119 0.67 17.08 -8.92
C HIS A 119 1.92 17.10 -8.05
N SER A 120 2.94 16.30 -8.38
CA SER A 120 4.18 16.33 -7.62
C SER A 120 4.83 17.70 -7.72
N LEU A 121 4.58 18.40 -8.83
CA LEU A 121 5.08 19.73 -9.06
C LEU A 121 4.07 20.82 -8.65
N ASN A 122 2.97 20.43 -8.00
CA ASN A 122 1.91 21.35 -7.60
C ASN A 122 1.22 21.98 -8.80
N ILE A 123 1.15 21.23 -9.90
CA ILE A 123 0.47 21.66 -11.12
C ILE A 123 -0.84 20.87 -11.20
N VAL A 124 -1.95 21.59 -11.29
CA VAL A 124 -3.27 21.00 -11.49
C VAL A 124 -3.64 21.14 -12.95
N HIS A 125 -4.07 20.04 -13.56
CA HIS A 125 -4.40 20.05 -14.99
C HIS A 125 -5.57 20.97 -15.28
N ARG A 126 -6.64 20.87 -14.50
CA ARG A 126 -7.81 21.74 -14.54
C ARG A 126 -8.72 21.46 -15.74
N ASP A 127 -8.21 20.78 -16.77
CA ASP A 127 -9.07 20.23 -17.81
C ASP A 127 -8.57 18.83 -18.10
N LEU A 128 -9.36 17.82 -17.75
CA LEU A 128 -9.01 16.44 -18.00
C LEU A 128 -10.26 15.78 -18.56
N LYS A 129 -10.09 15.06 -19.65
CA LYS A 129 -11.23 14.52 -20.36
C LYS A 129 -10.71 13.64 -21.48
N PRO A 130 -11.55 12.82 -22.09
CA PRO A 130 -11.06 11.92 -23.13
C PRO A 130 -10.28 12.62 -24.24
N HIS A 131 -10.71 13.80 -24.68
CA HIS A 131 -10.02 14.47 -25.78
C HIS A 131 -8.62 14.96 -25.38
N ASN A 132 -8.41 15.28 -24.11
CA ASN A 132 -7.10 15.72 -23.66
C ASN A 132 -6.17 14.56 -23.29
N ILE A 133 -6.70 13.35 -23.18
CA ILE A 133 -5.89 12.14 -23.10
C ILE A 133 -5.66 11.66 -24.52
N LEU A 134 -4.40 11.59 -24.94
CA LEU A 134 -4.05 11.30 -26.33
C LEU A 134 -3.33 9.96 -26.46
N ILE A 135 -3.58 9.29 -27.58
CA ILE A 135 -2.94 8.01 -27.90
C ILE A 135 -1.77 8.28 -28.84
N SER A 136 -0.59 7.80 -28.45
CA SER A 136 0.63 8.07 -29.20
C SER A 136 0.60 7.35 -30.55
N MET A 137 1.43 7.84 -31.47
CA MET A 137 1.66 7.12 -32.72
C MET A 137 2.62 5.95 -32.48
N PRO A 138 2.41 4.82 -33.15
CA PRO A 138 3.26 3.65 -32.89
C PRO A 138 4.72 3.98 -33.17
N ASN A 139 5.60 3.50 -32.30
CA ASN A 139 7.03 3.79 -32.39
C ASN A 139 7.75 2.54 -32.89
N ALA A 140 8.41 2.65 -34.05
CA ALA A 140 9.25 1.55 -34.49
C ALA A 140 8.39 0.29 -34.45
N HIS A 141 8.72 -0.60 -33.53
CA HIS A 141 7.98 -1.85 -33.37
C HIS A 141 6.48 -1.64 -33.22
N GLY A 142 6.04 -0.45 -32.83
CA GLY A 142 4.62 -0.17 -32.80
C GLY A 142 3.97 -0.19 -31.43
N LYS A 143 4.74 -0.22 -30.36
CA LYS A 143 4.15 -0.05 -29.04
C LYS A 143 3.59 1.37 -28.92
N ILE A 144 2.47 1.50 -28.21
CA ILE A 144 1.82 2.79 -28.05
C ILE A 144 1.55 3.02 -26.57
N LYS A 145 1.61 4.28 -26.18
CA LYS A 145 1.29 4.74 -24.84
C LYS A 145 0.19 5.78 -24.92
N ALA A 146 -0.18 6.31 -23.76
CA ALA A 146 -1.12 7.41 -23.67
C ALA A 146 -0.46 8.57 -22.94
N MET A 147 -0.84 9.78 -23.31
CA MET A 147 -0.26 10.97 -22.73
C MET A 147 -1.36 11.98 -22.45
N ILE A 148 -1.43 12.48 -21.22
CA ILE A 148 -2.32 13.59 -20.93
C ILE A 148 -1.72 14.86 -21.54
N SER A 149 -2.59 15.72 -22.06
CA SER A 149 -2.18 16.88 -22.84
C SER A 149 -3.08 18.05 -22.51
N ASP A 150 -2.70 19.23 -22.99
CA ASP A 150 -3.44 20.49 -22.84
C ASP A 150 -3.33 21.06 -21.43
N PHE A 151 -2.53 20.47 -20.54
CA PHE A 151 -2.30 21.09 -19.25
C PHE A 151 -1.63 22.45 -19.44
N GLY A 152 -1.79 23.32 -18.44
CA GLY A 152 -1.17 24.63 -18.50
C GLY A 152 -1.81 25.58 -19.50
N LEU A 153 -3.13 25.50 -19.64
CA LEU A 153 -3.89 26.41 -20.50
C LEU A 153 -5.02 26.97 -19.66
N CYS A 154 -5.02 28.29 -19.48
CA CYS A 154 -6.01 28.98 -18.67
C CYS A 154 -6.90 29.81 -19.58
N LYS A 155 -8.20 29.71 -19.37
CA LYS A 155 -9.18 30.47 -20.15
C LYS A 155 -9.38 31.83 -19.48
N LYS A 156 -9.07 32.90 -20.21
CA LYS A 156 -9.21 34.23 -19.64
C LYS A 156 -10.68 34.61 -19.54
N LEU A 157 -10.96 35.57 -18.65
CA LEU A 157 -12.33 36.06 -18.45
C LEU A 157 -12.66 37.15 -19.46
N VAL A 170 -15.16 29.56 -15.79
CA VAL A 170 -14.63 28.44 -15.04
C VAL A 170 -13.78 27.56 -15.96
N PRO A 171 -12.59 27.13 -15.51
CA PRO A 171 -11.76 26.27 -16.37
C PRO A 171 -12.39 24.89 -16.52
N GLY A 172 -11.99 24.20 -17.58
CA GLY A 172 -12.42 22.83 -17.80
C GLY A 172 -13.57 22.76 -18.78
N THR A 173 -13.95 21.52 -19.09
CA THR A 173 -15.00 21.21 -20.05
C THR A 173 -16.24 20.71 -19.33
N GLU A 174 -17.40 21.21 -19.74
CA GLU A 174 -18.65 20.85 -19.07
C GLU A 174 -18.84 19.34 -19.09
N GLY A 175 -19.15 18.80 -17.91
CA GLY A 175 -19.35 17.39 -17.70
C GLY A 175 -18.15 16.69 -17.08
N TRP A 176 -16.94 17.24 -17.26
CA TRP A 176 -15.74 16.76 -16.59
C TRP A 176 -15.30 17.64 -15.41
N ILE A 177 -16.02 18.71 -15.09
CA ILE A 177 -15.56 19.68 -14.09
C ILE A 177 -16.02 19.22 -12.72
N ALA A 178 -15.11 19.25 -11.75
CA ALA A 178 -15.47 18.86 -10.39
C ALA A 178 -16.55 19.80 -9.86
N PRO A 179 -17.41 19.32 -8.97
CA PRO A 179 -18.54 20.16 -8.55
C PRO A 179 -18.12 21.41 -7.82
N GLU A 180 -17.05 21.35 -7.03
CA GLU A 180 -16.67 22.48 -6.20
C GLU A 180 -16.18 23.66 -7.04
N MET A 181 -15.63 23.41 -8.23
CA MET A 181 -15.16 24.51 -9.05
C MET A 181 -16.31 25.40 -9.51
N LEU A 182 -17.46 24.80 -9.84
CA LEU A 182 -18.62 25.60 -10.20
C LEU A 182 -19.38 26.10 -8.98
N SER A 183 -19.26 25.42 -7.85
CA SER A 183 -19.94 25.82 -6.61
C SER A 183 -19.29 27.04 -5.96
N PRO A 190 -7.74 26.37 -7.55
CA PRO A 190 -8.17 24.98 -7.40
C PRO A 190 -7.01 24.06 -7.09
N THR A 191 -7.25 23.02 -6.30
CA THR A 191 -6.21 22.07 -5.93
C THR A 191 -6.31 20.81 -6.76
N TYR A 192 -5.45 19.84 -6.43
CA TYR A 192 -5.31 18.62 -7.23
C TYR A 192 -6.57 17.77 -7.27
N THR A 193 -7.50 17.93 -6.32
CA THR A 193 -8.67 17.07 -6.30
C THR A 193 -9.63 17.33 -7.45
N VAL A 194 -9.53 18.47 -8.14
CA VAL A 194 -10.33 18.67 -9.34
C VAL A 194 -10.00 17.63 -10.39
N ASP A 195 -8.70 17.32 -10.53
CA ASP A 195 -8.27 16.36 -11.53
C ASP A 195 -8.68 14.95 -11.15
N ILE A 196 -8.69 14.62 -9.87
CA ILE A 196 -9.11 13.28 -9.45
C ILE A 196 -10.57 13.08 -9.80
N PHE A 197 -11.37 14.14 -9.74
CA PHE A 197 -12.77 14.02 -10.11
C PHE A 197 -12.91 13.70 -11.59
N SER A 198 -12.28 14.51 -12.44
CA SER A 198 -12.31 14.25 -13.88
C SER A 198 -11.76 12.87 -14.20
N ALA A 199 -10.66 12.49 -13.54
CA ALA A 199 -10.09 11.17 -13.76
C ALA A 199 -11.11 10.08 -13.42
N GLY A 200 -11.82 10.25 -12.32
CA GLY A 200 -12.83 9.26 -11.95
C GLY A 200 -13.90 9.11 -13.00
N CYS A 201 -14.29 10.21 -13.64
CA CYS A 201 -15.22 10.11 -14.75
C CYS A 201 -14.56 9.40 -15.94
N VAL A 202 -13.29 9.72 -16.22
CA VAL A 202 -12.58 9.04 -17.30
C VAL A 202 -12.43 7.56 -16.99
N PHE A 203 -12.16 7.22 -15.72
CA PHE A 203 -12.03 5.81 -15.35
C PHE A 203 -13.30 5.04 -15.70
N TYR A 204 -14.45 5.57 -15.29
CA TYR A 204 -15.71 4.93 -15.64
C TYR A 204 -15.92 4.94 -17.15
N TYR A 205 -15.46 5.99 -17.82
CA TYR A 205 -15.65 6.08 -19.27
C TYR A 205 -14.91 4.96 -19.99
N VAL A 206 -13.68 4.68 -19.59
CA VAL A 206 -12.90 3.63 -20.25
C VAL A 206 -13.52 2.26 -19.95
N ILE A 207 -13.74 1.97 -18.66
CA ILE A 207 -14.30 0.67 -18.27
C ILE A 207 -15.67 0.46 -18.92
N SER A 208 -16.53 1.47 -18.84
CA SER A 208 -17.90 1.30 -19.30
C SER A 208 -18.03 1.20 -20.80
N GLU A 209 -16.93 1.38 -21.54
CA GLU A 209 -16.96 1.35 -23.00
C GLU A 209 -17.91 2.43 -23.55
N GLY A 210 -17.67 3.68 -23.12
CA GLY A 210 -18.35 4.85 -23.64
C GLY A 210 -19.36 5.48 -22.70
N SER A 211 -19.82 4.77 -21.67
CA SER A 211 -20.76 5.37 -20.74
C SER A 211 -20.06 6.35 -19.80
N HIS A 212 -20.83 7.25 -19.21
CA HIS A 212 -20.34 8.28 -18.30
C HIS A 212 -21.06 8.17 -16.96
N PRO A 213 -20.40 8.52 -15.85
CA PRO A 213 -21.09 8.41 -14.55
C PRO A 213 -22.41 9.16 -14.55
N PHE A 214 -22.44 10.29 -15.24
CA PHE A 214 -23.67 11.04 -15.50
C PHE A 214 -24.01 10.83 -16.98
N GLY A 215 -25.11 10.15 -17.24
CA GLY A 215 -25.29 9.55 -18.55
C GLY A 215 -25.43 10.51 -19.71
N LYS A 216 -26.37 11.44 -19.65
CA LYS A 216 -26.62 12.29 -20.79
C LYS A 216 -25.55 13.36 -20.92
N SER A 217 -25.22 13.70 -22.15
CA SER A 217 -24.21 14.73 -22.41
C SER A 217 -24.67 16.10 -21.94
N LEU A 218 -25.94 16.42 -22.14
CA LEU A 218 -26.43 17.76 -21.83
C LEU A 218 -26.57 17.96 -20.32
N GLN A 219 -27.10 16.96 -19.62
CA GLN A 219 -27.36 17.04 -18.18
C GLN A 219 -26.26 16.45 -17.30
N ARG A 220 -25.12 16.02 -17.86
CA ARG A 220 -24.09 15.44 -17.01
C ARG A 220 -23.56 16.48 -16.03
N GLN A 221 -23.20 17.66 -16.52
CA GLN A 221 -22.67 18.69 -15.62
C GLN A 221 -23.73 19.09 -14.61
N ALA A 222 -24.98 19.22 -15.06
CA ALA A 222 -26.06 19.52 -14.13
C ALA A 222 -26.20 18.43 -13.07
N ASN A 223 -26.06 17.17 -13.47
CA ASN A 223 -26.13 16.07 -12.51
C ASN A 223 -24.96 16.10 -11.55
N ILE A 224 -23.77 16.47 -12.03
CA ILE A 224 -22.60 16.58 -11.16
C ILE A 224 -22.89 17.53 -10.02
N LEU A 225 -23.53 18.66 -10.31
CA LEU A 225 -23.79 19.66 -9.28
C LEU A 225 -24.70 19.10 -8.18
N LEU A 226 -25.74 18.36 -8.57
CA LEU A 226 -26.66 17.78 -7.60
C LEU A 226 -26.32 16.33 -7.24
N GLY A 227 -25.21 15.80 -7.76
CA GLY A 227 -24.77 14.45 -7.43
C GLY A 227 -25.71 13.33 -7.80
N ALA A 228 -26.10 13.28 -9.07
CA ALA A 228 -27.01 12.27 -9.60
C ALA A 228 -26.28 11.07 -10.19
N CYS A 229 -24.96 10.99 -10.00
CA CYS A 229 -24.16 9.94 -10.63
C CYS A 229 -24.73 8.56 -10.33
N SER A 230 -24.69 7.70 -11.34
CA SER A 230 -25.13 6.31 -11.25
C SER A 230 -24.19 5.44 -12.06
N LEU A 231 -23.70 4.36 -11.47
CA LEU A 231 -22.87 3.38 -12.16
C LEU A 231 -23.70 2.12 -12.35
N ASP A 232 -24.22 1.95 -13.55
CA ASP A 232 -24.94 0.76 -13.96
C ASP A 232 -24.01 -0.35 -14.47
N CYS A 233 -23.01 0.03 -15.27
CA CYS A 233 -22.21 -0.95 -15.98
C CYS A 233 -21.40 -1.85 -15.07
N LEU A 234 -21.19 -1.45 -13.83
CA LEU A 234 -20.46 -2.26 -12.87
C LEU A 234 -21.43 -3.14 -12.10
N HIS A 235 -21.29 -4.45 -12.28
CA HIS A 235 -22.19 -5.40 -11.65
C HIS A 235 -21.92 -5.48 -10.15
N PRO A 236 -22.95 -5.56 -9.31
CA PRO A 236 -22.70 -5.69 -7.87
C PRO A 236 -22.09 -7.02 -7.47
N GLU A 237 -22.31 -8.08 -8.24
CA GLU A 237 -21.87 -9.43 -7.92
C GLU A 237 -20.56 -9.84 -8.57
N LYS A 238 -19.89 -8.96 -9.31
CA LYS A 238 -18.64 -9.31 -10.01
C LYS A 238 -17.46 -8.68 -9.31
N HIS A 239 -16.50 -9.51 -8.90
CA HIS A 239 -15.32 -9.02 -8.19
C HIS A 239 -14.62 -7.94 -8.99
N GLU A 240 -14.36 -8.19 -10.27
CA GLU A 240 -13.68 -7.21 -11.10
CA GLU A 240 -13.68 -7.21 -11.10
C GLU A 240 -14.39 -5.87 -11.07
N ASP A 241 -15.73 -5.88 -11.11
CA ASP A 241 -16.51 -4.65 -11.09
C ASP A 241 -16.66 -4.05 -9.69
N VAL A 242 -16.65 -4.87 -8.64
CA VAL A 242 -16.76 -4.32 -7.29
C VAL A 242 -15.49 -3.56 -6.93
N ILE A 243 -14.32 -4.07 -7.32
CA ILE A 243 -13.08 -3.35 -7.05
C ILE A 243 -13.11 -1.99 -7.74
N ALA A 244 -13.48 -1.97 -9.03
CA ALA A 244 -13.51 -0.72 -9.77
C ALA A 244 -14.54 0.23 -9.20
N ARG A 245 -15.71 -0.28 -8.81
CA ARG A 245 -16.75 0.58 -8.28
C ARG A 245 -16.27 1.32 -7.05
N GLU A 246 -15.65 0.60 -6.11
CA GLU A 246 -15.15 1.21 -4.88
C GLU A 246 -14.14 2.31 -5.18
N LEU A 247 -13.27 2.10 -6.16
CA LEU A 247 -12.27 3.13 -6.50
C LEU A 247 -12.92 4.33 -7.15
N ILE A 248 -13.80 4.12 -8.12
CA ILE A 248 -14.36 5.23 -8.89
C ILE A 248 -15.20 6.14 -8.00
N GLU A 249 -16.03 5.55 -7.13
CA GLU A 249 -16.96 6.37 -6.36
C GLU A 249 -16.22 7.29 -5.39
N LYS A 250 -15.04 6.90 -4.92
CA LYS A 250 -14.24 7.79 -4.10
C LYS A 250 -13.66 8.94 -4.93
N MET A 251 -13.26 8.67 -6.16
CA MET A 251 -12.67 9.72 -6.99
C MET A 251 -13.68 10.79 -7.35
N ILE A 252 -14.92 10.39 -7.64
CA ILE A 252 -15.93 11.33 -8.10
C ILE A 252 -16.75 11.84 -6.90
N ALA A 253 -16.32 11.48 -5.70
CA ALA A 253 -17.04 11.87 -4.49
C ALA A 253 -17.31 13.37 -4.48
N MET A 254 -18.54 13.71 -4.07
CA MET A 254 -18.95 15.12 -4.08
C MET A 254 -18.06 15.96 -3.17
N ASP A 255 -17.66 15.41 -2.03
CA ASP A 255 -16.81 16.13 -1.09
C ASP A 255 -15.36 15.93 -1.50
N PRO A 256 -14.65 16.96 -1.98
CA PRO A 256 -13.29 16.72 -2.49
C PRO A 256 -12.30 16.22 -1.46
N GLN A 257 -12.53 16.45 -0.16
CA GLN A 257 -11.59 15.93 0.82
C GLN A 257 -11.66 14.41 0.97
N LYS A 258 -12.70 13.77 0.45
CA LYS A 258 -12.81 12.32 0.47
C LYS A 258 -12.20 11.64 -0.75
N ARG A 259 -11.66 12.43 -1.71
CA ARG A 259 -11.09 11.89 -2.94
C ARG A 259 -9.63 11.51 -2.74
N PRO A 260 -9.21 10.31 -3.13
CA PRO A 260 -7.81 9.93 -2.97
C PRO A 260 -6.92 10.70 -3.94
N SER A 261 -5.65 10.81 -3.56
CA SER A 261 -4.68 11.46 -4.41
C SER A 261 -4.35 10.57 -5.61
N ALA A 262 -3.50 11.09 -6.49
CA ALA A 262 -3.12 10.32 -7.66
C ALA A 262 -2.31 9.08 -7.28
N LYS A 263 -1.37 9.22 -6.34
CA LYS A 263 -0.56 8.08 -5.92
C LYS A 263 -1.37 7.09 -5.08
N HIS A 264 -2.38 7.58 -4.35
CA HIS A 264 -3.31 6.68 -3.68
C HIS A 264 -4.02 5.78 -4.68
N VAL A 265 -4.49 6.35 -5.79
CA VAL A 265 -5.23 5.57 -6.78
C VAL A 265 -4.35 4.46 -7.34
N LEU A 266 -3.08 4.76 -7.59
CA LEU A 266 -2.20 3.78 -8.21
C LEU A 266 -1.97 2.55 -7.33
N LYS A 267 -2.18 2.67 -6.02
CA LYS A 267 -2.04 1.56 -5.09
C LYS A 267 -3.32 0.74 -4.95
N HIS A 268 -4.37 1.10 -5.68
CA HIS A 268 -5.67 0.47 -5.49
C HIS A 268 -5.67 -0.96 -6.05
N PRO A 269 -6.50 -1.85 -5.50
CA PRO A 269 -6.63 -3.19 -6.08
C PRO A 269 -7.08 -3.19 -7.53
N PHE A 270 -7.62 -2.08 -8.01
CA PHE A 270 -8.05 -1.99 -9.41
C PHE A 270 -6.87 -2.22 -10.35
N PHE A 271 -5.66 -1.83 -9.95
CA PHE A 271 -4.47 -1.96 -10.77
C PHE A 271 -3.65 -3.21 -10.46
N TRP A 272 -4.06 -4.01 -9.48
CA TRP A 272 -3.27 -5.17 -9.11
C TRP A 272 -3.44 -6.30 -10.11
N SER A 273 -2.36 -7.08 -10.29
CA SER A 273 -2.45 -8.33 -11.03
C SER A 273 -3.15 -9.38 -10.17
N LEU A 274 -3.36 -10.56 -10.73
CA LEU A 274 -4.02 -11.61 -9.95
C LEU A 274 -3.09 -12.16 -8.89
N GLU A 275 -1.82 -12.37 -9.21
CA GLU A 275 -0.91 -12.88 -8.19
C GLU A 275 -0.74 -11.87 -7.06
N LYS A 276 -0.80 -10.57 -7.38
CA LYS A 276 -0.74 -9.56 -6.32
C LYS A 276 -1.99 -9.60 -5.47
N GLN A 277 -3.16 -9.78 -6.11
CA GLN A 277 -4.40 -9.97 -5.36
C GLN A 277 -4.27 -11.13 -4.39
N LEU A 278 -3.82 -12.27 -4.88
CA LEU A 278 -3.64 -13.42 -3.99
C LEU A 278 -2.57 -13.13 -2.95
N GLN A 279 -1.51 -12.42 -3.34
CA GLN A 279 -0.45 -12.09 -2.40
C GLN A 279 -0.96 -11.16 -1.31
N PHE A 280 -1.90 -10.28 -1.63
CA PHE A 280 -2.53 -9.44 -0.60
C PHE A 280 -3.31 -10.30 0.37
N PHE A 281 -4.12 -11.23 -0.15
CA PHE A 281 -4.89 -12.12 0.71
C PHE A 281 -3.98 -12.89 1.67
N GLN A 282 -2.83 -13.35 1.17
CA GLN A 282 -1.90 -14.10 2.02
C GLN A 282 -1.28 -13.19 3.08
N ASP A 283 -0.73 -12.05 2.65
CA ASP A 283 -0.11 -11.12 3.59
C ASP A 283 -1.10 -10.62 4.63
N VAL A 284 -2.38 -10.49 4.26
CA VAL A 284 -3.39 -10.04 5.23
C VAL A 284 -3.63 -11.12 6.28
N SER A 285 -3.83 -12.36 5.84
CA SER A 285 -4.12 -13.46 6.77
C SER A 285 -3.03 -13.58 7.83
N ASP A 286 -1.76 -13.46 7.43
CA ASP A 286 -0.67 -13.57 8.39
C ASP A 286 -0.76 -12.49 9.47
N ARG A 287 -1.17 -11.28 9.10
CA ARG A 287 -1.24 -10.18 10.07
C ARG A 287 -2.35 -10.40 11.10
N ILE A 288 -3.44 -11.05 10.69
CA ILE A 288 -4.66 -11.21 11.48
C ILE A 288 -4.58 -12.43 12.40
N GLU A 289 -3.42 -13.08 12.46
CA GLU A 289 -3.32 -14.40 13.06
C GLU A 289 -3.26 -14.66 14.60
N LYS A 290 -2.57 -13.94 15.49
CA LYS A 290 -1.84 -12.66 15.38
C LYS A 290 -2.77 -11.47 15.68
N GLU A 291 -4.08 -11.69 15.77
CA GLU A 291 -5.00 -10.67 16.24
C GLU A 291 -6.07 -11.28 17.12
N SER A 292 -6.23 -10.73 18.32
CA SER A 292 -7.25 -11.22 19.22
C SER A 292 -8.62 -10.85 18.66
N LEU A 293 -9.55 -11.79 18.67
CA LEU A 293 -10.89 -11.47 18.22
C LEU A 293 -11.47 -10.42 19.16
N ASP A 294 -12.48 -9.69 18.65
CA ASP A 294 -12.95 -8.47 19.30
C ASP A 294 -11.95 -7.32 19.21
N GLY A 295 -10.72 -7.58 18.76
CA GLY A 295 -9.72 -6.54 18.60
C GLY A 295 -10.14 -5.55 17.52
N PRO A 296 -9.46 -4.39 17.42
CA PRO A 296 -9.91 -3.39 16.44
C PRO A 296 -9.74 -3.82 15.00
N ILE A 297 -8.65 -4.53 14.70
CA ILE A 297 -8.40 -4.97 13.33
C ILE A 297 -9.41 -6.04 12.92
N VAL A 298 -9.54 -7.09 13.74
CA VAL A 298 -10.45 -8.18 13.41
C VAL A 298 -11.90 -7.75 13.49
N LYS A 299 -12.23 -6.85 14.43
CA LYS A 299 -13.60 -6.34 14.52
C LYS A 299 -13.99 -5.58 13.25
N GLN A 300 -13.11 -4.72 12.75
CA GLN A 300 -13.40 -3.99 11.52
C GLN A 300 -13.54 -4.94 10.33
N LEU A 301 -12.68 -5.96 10.28
CA LEU A 301 -12.69 -6.89 9.16
C LEU A 301 -13.98 -7.69 9.15
N GLU A 302 -14.38 -8.23 10.31
CA GLU A 302 -15.58 -9.03 10.42
C GLU A 302 -16.88 -8.22 10.38
N ARG A 303 -16.80 -6.88 10.43
CA ARG A 303 -18.01 -6.07 10.42
C ARG A 303 -18.86 -6.33 9.19
N GLY A 304 -18.25 -6.25 8.01
CA GLY A 304 -19.05 -6.22 6.78
C GLY A 304 -19.93 -7.44 6.60
N GLY A 305 -19.41 -8.63 6.84
CA GLY A 305 -20.20 -9.82 6.60
C GLY A 305 -19.90 -10.96 7.55
N ARG A 306 -20.86 -11.86 7.79
CA ARG A 306 -22.24 -11.78 7.30
C ARG A 306 -22.31 -11.81 5.76
N ALA A 307 -22.85 -10.76 5.13
CA ALA A 307 -23.16 -10.83 3.71
C ALA A 307 -21.93 -11.10 2.85
N VAL A 308 -20.80 -10.46 3.17
CA VAL A 308 -19.59 -10.58 2.35
C VAL A 308 -19.22 -12.04 2.16
N VAL A 309 -19.25 -12.81 3.24
CA VAL A 309 -18.88 -14.22 3.21
C VAL A 309 -20.02 -15.11 2.74
N LYS A 310 -21.20 -14.54 2.47
CA LYS A 310 -22.40 -15.29 2.11
C LYS A 310 -22.76 -16.29 3.21
N MET A 311 -23.08 -15.75 4.39
CA MET A 311 -23.45 -16.54 5.55
C MET A 311 -22.38 -17.59 5.80
N ASP A 312 -22.70 -18.88 5.67
CA ASP A 312 -21.66 -19.90 5.72
C ASP A 312 -20.94 -19.95 4.38
N TRP A 313 -19.63 -19.77 4.37
CA TRP A 313 -18.90 -19.84 3.11
C TRP A 313 -18.61 -21.27 2.68
N ARG A 314 -18.55 -22.20 3.63
CA ARG A 314 -18.29 -23.59 3.29
C ARG A 314 -19.38 -24.17 2.40
N GLU A 315 -20.56 -23.55 2.38
CA GLU A 315 -21.63 -24.01 1.51
C GLU A 315 -21.39 -23.59 0.07
N ASN A 316 -20.70 -22.47 -0.14
CA ASN A 316 -20.53 -21.86 -1.46
C ASN A 316 -19.25 -22.30 -2.18
N ILE A 317 -18.49 -23.24 -1.62
CA ILE A 317 -17.25 -23.72 -2.22
C ILE A 317 -17.49 -25.15 -2.70
N THR A 318 -16.75 -25.54 -3.74
CA THR A 318 -16.97 -26.84 -4.35
C THR A 318 -16.72 -27.95 -3.34
N VAL A 319 -17.39 -29.10 -3.56
CA VAL A 319 -17.37 -30.18 -2.56
C VAL A 319 -15.98 -30.68 -2.27
N PRO A 320 -15.08 -30.85 -3.25
CA PRO A 320 -13.73 -31.35 -2.93
C PRO A 320 -13.03 -30.50 -1.89
N LEU A 321 -13.16 -29.18 -1.98
CA LEU A 321 -12.57 -28.32 -0.96
C LEU A 321 -13.31 -28.44 0.37
N GLN A 322 -14.63 -28.63 0.34
CA GLN A 322 -15.38 -28.78 1.58
C GLN A 322 -14.88 -29.98 2.38
N THR A 323 -14.71 -31.11 1.71
CA THR A 323 -14.29 -32.33 2.40
C THR A 323 -12.86 -32.18 2.93
N ASP A 324 -11.96 -31.66 2.08
CA ASP A 324 -10.58 -31.47 2.51
C ASP A 324 -10.51 -30.55 3.73
N LEU A 325 -11.41 -29.57 3.82
CA LEU A 325 -11.44 -28.69 4.98
C LEU A 325 -11.97 -29.38 6.23
N ARG A 326 -12.61 -30.55 6.10
CA ARG A 326 -13.07 -31.26 7.30
C ARG A 326 -11.89 -31.73 8.14
N LYS A 327 -10.73 -31.93 7.52
CA LYS A 327 -9.54 -32.33 8.24
C LYS A 327 -8.97 -31.16 9.03
N PHE A 328 -8.25 -31.48 10.10
CA PHE A 328 -7.60 -30.46 10.93
C PHE A 328 -8.57 -29.37 11.39
N THR A 330 -10.90 -26.93 12.09
CA THR A 330 -12.06 -26.17 12.53
C THR A 330 -12.03 -24.75 11.99
N TYR A 331 -12.89 -24.50 11.01
CA TYR A 331 -13.06 -23.20 10.38
C TYR A 331 -14.45 -22.66 10.67
N LYS A 332 -14.52 -21.39 11.07
CA LYS A 332 -15.78 -20.81 11.52
C LYS A 332 -16.86 -20.92 10.45
N GLY A 333 -16.64 -20.29 9.30
CA GLY A 333 -17.58 -20.30 8.20
C GLY A 333 -18.40 -19.03 8.07
N GLY A 334 -18.57 -18.28 9.16
CA GLY A 334 -19.16 -16.96 9.11
C GLY A 334 -18.12 -15.88 9.27
N SER A 335 -16.83 -16.22 9.18
CA SER A 335 -15.74 -15.31 9.43
C SER A 335 -14.94 -15.09 8.17
N VAL A 336 -14.67 -13.82 7.87
CA VAL A 336 -13.77 -13.51 6.76
C VAL A 336 -12.35 -13.92 7.12
N ARG A 337 -11.97 -13.75 8.40
CA ARG A 337 -10.63 -14.12 8.84
C ARG A 337 -10.38 -15.61 8.64
N ASP A 338 -11.36 -16.45 8.98
CA ASP A 338 -11.17 -17.89 8.78
C ASP A 338 -11.11 -18.23 7.31
N LEU A 339 -11.91 -17.54 6.48
CA LEU A 339 -11.85 -17.77 5.04
C LEU A 339 -10.48 -17.37 4.49
N LEU A 340 -9.94 -16.24 4.95
CA LEU A 340 -8.59 -15.85 4.51
C LEU A 340 -7.56 -16.86 4.97
N ARG A 341 -7.73 -17.40 6.19
CA ARG A 341 -6.79 -18.40 6.70
C ARG A 341 -6.82 -19.66 5.85
N ALA A 342 -8.01 -20.10 5.45
CA ALA A 342 -8.12 -21.29 4.62
C ALA A 342 -7.45 -21.08 3.26
N MET A 343 -7.61 -19.88 2.69
CA MET A 343 -6.99 -19.61 1.39
C MET A 343 -5.48 -19.62 1.50
N ARG A 344 -4.94 -19.01 2.54
CA ARG A 344 -3.50 -19.08 2.77
C ARG A 344 -3.06 -20.51 3.00
N ASN A 345 -3.89 -21.30 3.68
CA ASN A 345 -3.50 -22.66 4.01
C ASN A 345 -3.38 -23.51 2.75
N LYS A 346 -4.39 -23.44 1.88
CA LYS A 346 -4.36 -24.26 0.67
C LYS A 346 -3.31 -23.80 -0.31
N LYS A 347 -2.90 -22.53 -0.27
CA LYS A 347 -1.87 -22.05 -1.19
C LYS A 347 -0.48 -22.51 -0.77
N HIS A 348 -0.15 -22.40 0.53
CA HIS A 348 1.17 -22.80 0.98
C HIS A 348 1.37 -24.30 0.86
N HIS A 349 0.32 -25.07 1.18
CA HIS A 349 0.33 -26.52 1.16
C HIS A 349 -0.18 -27.11 -0.14
N TYR A 350 -0.39 -26.28 -1.16
CA TYR A 350 -1.02 -26.70 -2.41
C TYR A 350 -0.46 -28.01 -2.93
N ARG A 351 0.86 -28.19 -2.89
CA ARG A 351 1.45 -29.43 -3.41
C ARG A 351 0.98 -30.65 -2.64
N GLU A 352 0.62 -30.46 -1.37
CA GLU A 352 0.23 -31.59 -0.53
C GLU A 352 -1.23 -31.98 -0.68
N LEU A 353 -2.01 -31.24 -1.45
CA LEU A 353 -3.43 -31.53 -1.42
C LEU A 353 -3.71 -32.61 -2.47
N PRO A 354 -4.73 -33.45 -2.25
CA PRO A 354 -5.06 -34.47 -3.25
C PRO A 354 -5.41 -33.84 -4.60
N ALA A 355 -5.11 -34.59 -5.67
CA ALA A 355 -5.36 -34.11 -7.03
C ALA A 355 -6.80 -33.72 -7.26
N GLU A 356 -7.74 -34.22 -6.45
CA GLU A 356 -9.12 -33.76 -6.55
C GLU A 356 -9.26 -32.31 -6.09
N VAL A 357 -8.53 -31.93 -5.04
CA VAL A 357 -8.58 -30.56 -4.56
C VAL A 357 -7.84 -29.61 -5.49
N ARG A 358 -6.61 -29.98 -5.89
CA ARG A 358 -5.83 -29.11 -6.76
C ARG A 358 -6.51 -28.89 -8.10
N GLU A 359 -7.38 -29.81 -8.53
CA GLU A 359 -8.04 -29.66 -9.82
C GLU A 359 -9.12 -28.59 -9.77
N THR A 360 -9.90 -28.54 -8.68
CA THR A 360 -10.97 -27.56 -8.56
C THR A 360 -10.48 -26.18 -8.15
N LEU A 361 -9.20 -26.04 -7.82
CA LEU A 361 -8.64 -24.77 -7.33
C LEU A 361 -7.70 -24.15 -8.36
N GLY A 362 -6.55 -24.77 -8.61
CA GLY A 362 -5.51 -24.14 -9.41
C GLY A 362 -5.90 -24.04 -10.86
N SER A 363 -4.98 -23.61 -11.72
CA SER A 363 -3.58 -23.40 -11.39
C SER A 363 -3.34 -22.17 -10.54
N LEU A 364 -2.16 -22.10 -9.93
CA LEU A 364 -1.76 -20.94 -9.14
C LEU A 364 -1.00 -19.96 -10.02
N PRO A 365 -1.00 -18.66 -9.66
CA PRO A 365 -1.88 -17.92 -8.74
C PRO A 365 -3.27 -17.66 -9.33
N ASP A 366 -3.41 -17.78 -10.64
CA ASP A 366 -4.53 -17.16 -11.35
C ASP A 366 -5.87 -17.86 -11.10
N ASP A 367 -6.03 -19.08 -11.60
CA ASP A 367 -7.30 -19.78 -11.38
C ASP A 367 -7.57 -20.02 -9.91
N PHE A 368 -6.53 -20.03 -9.07
CA PHE A 368 -6.71 -20.26 -7.65
C PHE A 368 -7.40 -19.07 -6.99
N VAL A 369 -6.88 -17.87 -7.21
CA VAL A 369 -7.46 -16.69 -6.58
C VAL A 369 -8.83 -16.40 -7.17
N CYS A 370 -8.98 -16.62 -8.48
CA CYS A 370 -10.27 -16.38 -9.11
C CYS A 370 -11.34 -17.33 -8.58
N TYR A 371 -10.94 -18.49 -8.08
CA TYR A 371 -11.88 -19.41 -7.47
C TYR A 371 -12.61 -18.75 -6.30
N PHE A 372 -11.87 -18.06 -5.43
CA PHE A 372 -12.49 -17.42 -4.27
C PHE A 372 -13.11 -16.07 -4.60
N THR A 373 -12.43 -15.24 -5.41
CA THR A 373 -12.97 -13.91 -5.69
C THR A 373 -14.24 -13.99 -6.51
N SER A 374 -14.36 -14.99 -7.39
CA SER A 374 -15.59 -15.18 -8.14
C SER A 374 -16.73 -15.62 -7.24
N ARG A 375 -16.44 -16.54 -6.30
CA ARG A 375 -17.46 -17.02 -5.38
C ARG A 375 -17.78 -15.98 -4.29
N PHE A 376 -16.83 -15.09 -3.98
CA PHE A 376 -17.00 -14.06 -2.95
C PHE A 376 -16.58 -12.72 -3.55
N PRO A 377 -17.48 -12.06 -4.26
CA PRO A 377 -17.07 -10.86 -5.04
C PRO A 377 -16.67 -9.68 -4.17
N HIS A 378 -17.21 -9.57 -2.96
CA HIS A 378 -16.90 -8.43 -2.11
C HIS A 378 -15.70 -8.69 -1.21
N LEU A 379 -15.08 -9.87 -1.33
CA LEU A 379 -14.04 -10.25 -0.38
C LEU A 379 -12.83 -9.31 -0.48
N LEU A 380 -12.32 -9.09 -1.69
CA LEU A 380 -11.12 -8.28 -1.83
C LEU A 380 -11.38 -6.82 -1.46
N ALA A 381 -12.46 -6.25 -1.99
CA ALA A 381 -12.79 -4.85 -1.68
C ALA A 381 -13.04 -4.69 -0.19
N HIS A 382 -13.82 -5.61 0.40
CA HIS A 382 -14.11 -5.54 1.82
C HIS A 382 -12.83 -5.62 2.64
N THR A 383 -12.01 -6.65 2.38
CA THR A 383 -10.77 -6.82 3.10
C THR A 383 -9.87 -5.62 2.94
N TYR A 384 -9.84 -5.04 1.74
CA TYR A 384 -8.95 -3.91 1.48
C TYR A 384 -9.31 -2.71 2.35
N ARG A 385 -10.60 -2.39 2.45
CA ARG A 385 -11.02 -1.23 3.23
C ARG A 385 -10.77 -1.45 4.71
N ALA A 386 -11.08 -2.64 5.22
CA ALA A 386 -10.89 -2.92 6.64
C ALA A 386 -9.42 -2.86 7.04
N MET A 387 -8.52 -3.22 6.13
CA MET A 387 -7.10 -3.33 6.45
C MET A 387 -6.33 -2.04 6.23
N GLU A 388 -7.02 -0.95 5.90
CA GLU A 388 -6.36 0.36 5.82
C GLU A 388 -5.70 0.75 7.14
N LEU A 389 -6.11 0.15 8.26
CA LEU A 389 -5.49 0.46 9.55
C LEU A 389 -4.00 0.17 9.53
N CYS A 390 -3.58 -0.75 8.67
CA CYS A 390 -2.19 -1.15 8.55
C CYS A 390 -1.45 -0.41 7.45
N SER A 391 -2.10 0.56 6.81
CA SER A 391 -1.53 1.20 5.62
C SER A 391 -0.11 1.71 5.86
N HIS A 392 0.21 2.09 7.10
CA HIS A 392 1.52 2.64 7.40
C HIS A 392 2.59 1.56 7.57
N GLU A 393 2.21 0.32 7.84
CA GLU A 393 3.17 -0.74 8.08
C GLU A 393 4.01 -1.03 6.85
N ARG A 394 5.23 -1.50 7.08
CA ARG A 394 6.15 -1.76 5.97
C ARG A 394 5.71 -2.94 5.12
N LEU A 395 5.02 -3.93 5.71
CA LEU A 395 4.61 -5.10 4.93
C LEU A 395 3.48 -4.77 3.95
N PHE A 396 2.60 -3.84 4.30
CA PHE A 396 1.49 -3.46 3.43
C PHE A 396 1.80 -2.25 2.54
N GLN A 397 3.02 -1.73 2.59
CA GLN A 397 3.40 -0.61 1.73
C GLN A 397 3.10 -0.85 0.25
N PRO A 398 3.23 -2.06 -0.29
CA PRO A 398 2.86 -2.24 -1.71
C PRO A 398 1.37 -2.04 -1.95
N TYR A 399 0.53 -2.33 -0.97
CA TYR A 399 -0.92 -2.26 -1.15
C TYR A 399 -1.52 -0.90 -0.81
N TYR A 400 -0.78 -0.03 -0.12
CA TYR A 400 -1.30 1.27 0.29
C TYR A 400 -0.22 2.32 0.14
N PHE A 401 -0.65 3.58 0.04
CA PHE A 401 0.29 4.68 -0.04
C PHE A 401 0.67 5.08 1.38
N HIS A 402 1.97 4.96 1.70
CA HIS A 402 2.45 5.20 3.06
C HIS A 402 2.55 6.68 3.41
N GLU A 403 2.50 7.58 2.43
CA GLU A 403 2.63 9.00 2.68
C GLU A 403 3.95 9.35 3.38
N VAL B 2 -10.08 -37.65 -38.37
CA VAL B 2 -10.04 -36.88 -37.14
C VAL B 2 -9.68 -37.75 -35.93
N VAL B 3 -8.38 -37.82 -35.63
CA VAL B 3 -7.92 -38.66 -34.53
C VAL B 3 -8.41 -38.09 -33.20
N ILE B 4 -8.79 -38.97 -32.29
CA ILE B 4 -9.20 -38.57 -30.95
C ILE B 4 -8.52 -39.52 -29.97
N VAL B 5 -7.61 -38.98 -29.16
CA VAL B 5 -7.05 -39.68 -28.01
C VAL B 5 -7.44 -38.88 -26.78
N GLY B 6 -8.39 -39.42 -26.00
CA GLY B 6 -8.95 -38.65 -24.90
C GLY B 6 -7.84 -38.29 -23.93
N LYS B 7 -7.76 -37.04 -23.46
CA LYS B 7 -8.74 -35.99 -23.70
C LYS B 7 -8.44 -35.10 -24.91
N ILE B 8 -7.32 -35.38 -25.57
CA ILE B 8 -6.82 -34.52 -26.64
C ILE B 8 -7.54 -34.85 -27.95
N SER B 9 -7.78 -33.82 -28.76
CA SER B 9 -8.50 -33.96 -30.02
C SER B 9 -7.77 -33.13 -31.07
N PHE B 10 -7.37 -33.78 -32.17
CA PHE B 10 -6.70 -33.11 -33.28
C PHE B 10 -7.13 -33.75 -34.59
N CYS B 11 -6.97 -33.01 -35.67
CA CYS B 11 -7.23 -33.52 -37.01
C CYS B 11 -6.00 -33.30 -37.86
N PRO B 12 -5.62 -34.27 -38.68
CA PRO B 12 -4.52 -34.04 -39.64
C PRO B 12 -4.94 -33.05 -40.71
N LYS B 13 -3.95 -32.60 -41.46
CA LYS B 13 -4.01 -31.55 -42.48
C LYS B 13 -4.04 -30.17 -41.83
N ASP B 14 -4.18 -30.09 -40.50
CA ASP B 14 -4.03 -28.86 -39.74
C ASP B 14 -2.61 -28.64 -39.26
N VAL B 15 -1.66 -29.45 -39.73
CA VAL B 15 -0.32 -29.55 -39.14
C VAL B 15 0.27 -28.15 -38.97
N LEU B 16 0.72 -27.86 -37.74
CA LEU B 16 1.40 -26.60 -37.45
C LEU B 16 2.87 -26.64 -37.83
N GLY B 17 3.52 -27.77 -37.67
CA GLY B 17 4.91 -27.89 -38.07
C GLY B 17 5.44 -29.28 -37.86
N HIS B 18 6.56 -29.56 -38.53
CA HIS B 18 7.31 -30.80 -38.34
C HIS B 18 8.52 -30.51 -37.46
N GLY B 19 8.76 -31.40 -36.50
CA GLY B 19 9.80 -31.25 -35.51
C GLY B 19 11.03 -32.07 -35.83
N ALA B 20 11.68 -32.54 -34.77
CA ALA B 20 12.84 -33.41 -34.88
C ALA B 20 12.43 -34.84 -34.57
N GLU B 21 13.05 -35.79 -35.25
CA GLU B 21 12.79 -37.21 -35.02
C GLU B 21 11.33 -37.53 -35.28
N GLY B 22 10.78 -37.00 -36.37
CA GLY B 22 9.43 -37.32 -36.75
C GLY B 22 8.35 -36.67 -35.92
N THR B 23 8.73 -35.77 -35.00
CA THR B 23 7.75 -35.07 -34.20
C THR B 23 6.91 -34.16 -35.09
N ILE B 24 5.59 -34.27 -34.97
CA ILE B 24 4.64 -33.44 -35.72
C ILE B 24 3.76 -32.72 -34.71
N VAL B 25 3.44 -31.47 -35.03
CA VAL B 25 2.61 -30.63 -34.18
C VAL B 25 1.34 -30.28 -34.96
N TYR B 26 0.18 -30.51 -34.34
CA TYR B 26 -1.11 -30.28 -34.98
C TYR B 26 -1.90 -29.24 -34.19
N ARG B 27 -2.85 -28.62 -34.87
CA ARG B 27 -3.83 -27.73 -34.26
C ARG B 27 -5.02 -28.56 -33.78
N GLY B 28 -5.36 -28.42 -32.51
CA GLY B 28 -6.34 -29.28 -31.90
C GLY B 28 -6.99 -28.60 -30.72
N MET B 29 -7.80 -29.39 -30.00
CA MET B 29 -8.58 -28.90 -28.87
C MET B 29 -8.38 -29.83 -27.68
N PHE B 30 -7.92 -29.27 -26.56
CA PHE B 30 -7.82 -30.06 -25.33
C PHE B 30 -9.17 -30.17 -24.64
N ASP B 31 -9.63 -29.06 -24.04
CA ASP B 31 -11.00 -28.96 -23.56
C ASP B 31 -11.59 -27.72 -24.23
N ASN B 32 -12.38 -27.94 -25.29
CA ASN B 32 -13.22 -26.90 -25.87
C ASN B 32 -12.41 -25.70 -26.37
N ARG B 33 -11.09 -25.73 -26.21
CA ARG B 33 -10.24 -24.56 -26.46
C ARG B 33 -9.12 -24.95 -27.40
N ASP B 34 -8.84 -24.08 -28.37
CA ASP B 34 -7.79 -24.35 -29.34
C ASP B 34 -6.43 -24.46 -28.64
N VAL B 35 -5.74 -25.57 -28.88
CA VAL B 35 -4.40 -25.81 -28.34
C VAL B 35 -3.53 -26.39 -29.44
N ALA B 36 -2.22 -26.46 -29.17
CA ALA B 36 -1.26 -27.09 -30.05
C ALA B 36 -0.92 -28.48 -29.51
N VAL B 37 -1.09 -29.49 -30.35
CA VAL B 37 -0.87 -30.88 -29.99
C VAL B 37 0.44 -31.33 -30.61
N LYS B 38 1.40 -31.75 -29.77
CA LYS B 38 2.68 -32.25 -30.24
C LYS B 38 2.69 -33.76 -30.08
N ARG B 39 2.94 -34.47 -31.18
CA ARG B 39 3.02 -35.92 -31.21
C ARG B 39 4.48 -36.32 -31.32
N ILE B 40 4.95 -37.11 -30.36
CA ILE B 40 6.34 -37.54 -30.32
C ILE B 40 6.39 -39.07 -30.35
N LEU B 41 7.53 -39.58 -30.81
CA LEU B 41 7.77 -41.02 -30.79
C LEU B 41 8.40 -41.40 -29.45
N PRO B 42 7.77 -42.27 -28.65
CA PRO B 42 8.35 -42.60 -27.34
C PRO B 42 9.71 -43.25 -27.41
N GLU B 43 10.08 -43.84 -28.55
CA GLU B 43 11.42 -44.39 -28.71
C GLU B 43 12.46 -43.28 -28.84
N CYS B 44 12.06 -42.10 -29.31
CA CYS B 44 12.99 -40.99 -29.54
C CYS B 44 13.04 -40.03 -28.35
N PHE B 45 11.93 -39.37 -28.03
CA PHE B 45 11.89 -38.37 -26.97
C PHE B 45 11.21 -38.91 -25.73
N SER B 46 11.73 -38.51 -24.57
CA SER B 46 11.12 -38.83 -23.29
C SER B 46 10.59 -37.55 -22.66
N PHE B 47 9.32 -37.58 -22.29
CA PHE B 47 8.64 -36.46 -21.64
C PHE B 47 8.82 -36.59 -20.13
N ALA B 48 9.25 -35.50 -19.49
CA ALA B 48 9.55 -35.51 -18.07
C ALA B 48 8.30 -35.10 -17.29
N ASP B 49 7.69 -36.06 -16.60
CA ASP B 49 6.46 -35.79 -15.86
C ASP B 49 6.76 -35.11 -14.52
N ARG B 50 7.90 -35.43 -13.89
CA ARG B 50 8.23 -34.84 -12.60
C ARG B 50 8.50 -33.35 -12.72
N GLU B 51 9.19 -32.93 -13.78
CA GLU B 51 9.50 -31.51 -13.97
C GLU B 51 8.25 -30.70 -14.30
N VAL B 52 7.37 -31.23 -15.16
CA VAL B 52 6.19 -30.48 -15.55
C VAL B 52 5.21 -30.38 -14.38
N GLN B 53 5.09 -31.45 -13.60
CA GLN B 53 4.18 -31.42 -12.45
C GLN B 53 4.64 -30.38 -11.44
N LEU B 54 5.95 -30.35 -11.16
CA LEU B 54 6.48 -29.31 -10.28
C LEU B 54 6.18 -27.93 -10.82
N LEU B 55 6.22 -27.78 -12.15
CA LEU B 55 5.92 -26.50 -12.76
C LEU B 55 4.44 -26.18 -12.61
N ARG B 56 3.58 -27.18 -12.75
CA ARG B 56 2.14 -26.99 -12.61
C ARG B 56 1.75 -26.71 -11.15
N GLU B 57 2.52 -27.25 -10.20
CA GLU B 57 2.26 -27.07 -8.78
C GLU B 57 2.79 -25.73 -8.26
N SER B 58 3.44 -24.94 -9.10
CA SER B 58 4.05 -23.69 -8.70
C SER B 58 3.30 -22.52 -9.30
N ASP B 59 3.75 -21.31 -8.97
CA ASP B 59 3.17 -20.11 -9.54
C ASP B 59 3.44 -20.06 -11.03
N GLU B 60 2.39 -19.86 -11.82
CA GLU B 60 2.56 -19.81 -13.27
C GLU B 60 3.31 -18.56 -13.67
N HIS B 61 4.35 -18.73 -14.45
CA HIS B 61 5.08 -17.60 -15.01
C HIS B 61 4.44 -17.23 -16.35
N PRO B 62 4.18 -15.94 -16.63
CA PRO B 62 3.49 -15.63 -17.89
C PRO B 62 4.31 -15.97 -19.12
N ASN B 63 5.63 -15.94 -18.98
CA ASN B 63 6.55 -16.18 -20.07
C ASN B 63 7.03 -17.63 -20.16
N VAL B 64 6.48 -18.52 -19.34
CA VAL B 64 6.66 -19.96 -19.50
C VAL B 64 5.33 -20.53 -19.98
N ILE B 65 5.38 -21.35 -21.01
CA ILE B 65 4.17 -21.85 -21.63
C ILE B 65 3.56 -22.95 -20.76
N ARG B 66 2.25 -23.11 -20.88
CA ARG B 66 1.53 -24.12 -20.12
C ARG B 66 1.41 -25.40 -20.92
N TYR B 67 1.70 -26.53 -20.26
CA TYR B 67 1.40 -27.86 -20.80
C TYR B 67 0.11 -28.32 -20.15
N PHE B 68 -0.95 -28.42 -20.94
CA PHE B 68 -2.26 -28.76 -20.39
C PHE B 68 -2.35 -30.24 -20.04
N CYS B 69 -2.23 -31.11 -21.05
CA CYS B 69 -2.47 -32.53 -20.87
C CYS B 69 -1.48 -33.35 -21.69
N THR B 70 -1.27 -34.58 -21.24
CA THR B 70 -0.43 -35.55 -21.93
C THR B 70 -1.17 -36.89 -22.01
N GLU B 71 -1.32 -37.41 -23.22
CA GLU B 71 -1.97 -38.69 -23.44
C GLU B 71 -1.08 -39.56 -24.32
N LYS B 72 -1.12 -40.87 -24.07
CA LYS B 72 -0.35 -41.85 -24.80
C LYS B 72 -1.30 -42.87 -25.42
N ASP B 73 -1.05 -43.20 -26.69
CA ASP B 73 -1.68 -44.31 -27.38
C ASP B 73 -0.61 -45.35 -27.69
N ARG B 74 -1.00 -46.39 -28.43
CA ARG B 74 -0.10 -47.52 -28.65
C ARG B 74 1.23 -47.06 -29.25
N GLN B 75 1.18 -46.25 -30.30
CA GLN B 75 2.37 -45.85 -31.05
C GLN B 75 3.09 -44.62 -30.48
N PHE B 76 2.36 -43.56 -30.17
CA PHE B 76 2.95 -42.24 -29.94
C PHE B 76 2.61 -41.74 -28.54
N GLN B 77 3.10 -40.53 -28.25
CA GLN B 77 2.73 -39.78 -27.05
C GLN B 77 2.37 -38.36 -27.45
N TYR B 78 1.20 -37.90 -27.00
CA TYR B 78 0.65 -36.61 -27.37
C TYR B 78 0.78 -35.64 -26.20
N ILE B 79 1.10 -34.39 -26.50
CA ILE B 79 1.20 -33.33 -25.50
C ILE B 79 0.41 -32.13 -26.01
N ALA B 80 -0.41 -31.54 -25.14
CA ALA B 80 -1.22 -30.39 -25.48
C ALA B 80 -0.63 -29.17 -24.80
N ILE B 81 -0.34 -28.13 -25.57
CA ILE B 81 0.32 -26.94 -25.06
C ILE B 81 -0.39 -25.72 -25.62
N GLU B 82 -0.21 -24.58 -24.95
CA GLU B 82 -0.89 -23.35 -25.32
C GLU B 82 -0.63 -22.99 -26.78
N LEU B 83 -1.70 -22.83 -27.55
CA LEU B 83 -1.56 -22.50 -28.96
C LEU B 83 -0.98 -21.09 -29.12
N CYS B 84 0.05 -20.98 -29.95
CA CYS B 84 0.76 -19.73 -30.16
C CYS B 84 0.68 -19.30 -31.63
N ALA B 85 0.94 -18.01 -31.86
CA ALA B 85 0.84 -17.46 -33.20
C ALA B 85 2.06 -17.84 -34.05
N ALA B 86 3.25 -17.70 -33.49
CA ALA B 86 4.48 -17.97 -34.25
C ALA B 86 5.62 -18.19 -33.26
N THR B 87 6.82 -18.37 -33.81
CA THR B 87 8.03 -18.52 -33.00
C THR B 87 8.84 -17.23 -33.06
N LEU B 88 9.96 -17.22 -32.34
CA LEU B 88 10.82 -16.04 -32.31
C LEU B 88 11.44 -15.77 -33.66
N GLN B 89 11.66 -16.81 -34.46
CA GLN B 89 12.25 -16.61 -35.78
C GLN B 89 11.34 -15.76 -36.66
N GLU B 90 10.05 -16.10 -36.71
CA GLU B 90 9.11 -15.31 -37.51
C GLU B 90 9.08 -13.86 -37.03
N TYR B 91 9.14 -13.67 -35.70
CA TYR B 91 9.15 -12.33 -35.12
C TYR B 91 10.32 -11.52 -35.66
N VAL B 92 11.51 -12.12 -35.71
CA VAL B 92 12.69 -11.38 -36.18
C VAL B 92 12.62 -11.14 -37.68
N GLU B 93 12.16 -12.13 -38.44
CA GLU B 93 12.22 -12.08 -39.89
C GLU B 93 11.13 -11.24 -40.55
N GLN B 94 10.01 -11.01 -39.88
CA GLN B 94 8.83 -10.51 -40.59
C GLN B 94 8.99 -9.05 -41.02
N LYS B 95 9.01 -8.12 -40.06
CA LYS B 95 8.88 -6.70 -40.37
C LYS B 95 9.94 -5.82 -39.70
N ASP B 96 10.00 -5.88 -38.36
CA ASP B 96 10.55 -4.87 -37.46
C ASP B 96 9.41 -4.00 -36.94
N PHE B 97 8.22 -4.14 -37.51
CA PHE B 97 7.03 -3.45 -36.99
C PHE B 97 5.87 -4.43 -37.06
N ALA B 98 5.02 -4.42 -36.05
CA ALA B 98 3.86 -5.30 -35.99
C ALA B 98 4.15 -6.83 -36.12
N HIS B 99 4.96 -7.46 -35.25
CA HIS B 99 5.78 -6.87 -34.19
C HIS B 99 4.98 -5.95 -33.28
N LEU B 100 3.69 -6.27 -33.08
CA LEU B 100 2.74 -5.33 -32.50
C LEU B 100 2.74 -5.42 -30.99
N GLY B 101 3.27 -4.39 -30.33
CA GLY B 101 3.23 -4.26 -28.89
C GLY B 101 4.37 -4.93 -28.15
N LEU B 102 5.25 -5.65 -28.86
CA LEU B 102 6.35 -6.36 -28.24
C LEU B 102 7.67 -5.78 -28.71
N GLU B 103 8.44 -5.23 -27.78
CA GLU B 103 9.75 -4.70 -28.09
C GLU B 103 10.79 -5.81 -27.96
N PRO B 104 11.84 -5.79 -28.79
CA PRO B 104 12.83 -6.88 -28.72
C PRO B 104 13.51 -6.99 -27.37
N ILE B 105 13.85 -5.88 -26.73
CA ILE B 105 14.54 -5.96 -25.46
C ILE B 105 13.62 -6.53 -24.38
N THR B 106 12.37 -6.06 -24.33
CA THR B 106 11.44 -6.61 -23.36
C THR B 106 11.11 -8.06 -23.69
N LEU B 107 11.18 -8.42 -24.97
CA LEU B 107 11.01 -9.81 -25.36
C LEU B 107 12.11 -10.68 -24.77
N LEU B 108 13.37 -10.29 -24.96
CA LEU B 108 14.47 -11.00 -24.31
C LEU B 108 14.31 -11.01 -22.80
N GLN B 109 13.78 -9.92 -22.24
CA GLN B 109 13.56 -9.85 -20.81
C GLN B 109 12.53 -10.89 -20.36
N GLN B 110 11.41 -10.97 -21.09
CA GLN B 110 10.42 -11.99 -20.80
C GLN B 110 11.04 -13.39 -20.83
N THR B 111 11.87 -13.65 -21.84
CA THR B 111 12.52 -14.95 -21.94
C THR B 111 13.42 -15.21 -20.74
N THR B 112 14.31 -14.27 -20.43
CA THR B 112 15.24 -14.47 -19.31
C THR B 112 14.49 -14.64 -18.00
N SER B 113 13.34 -14.00 -17.87
CA SER B 113 12.56 -14.15 -16.64
C SER B 113 11.99 -15.55 -16.54
N GLY B 114 11.34 -16.04 -17.61
CA GLY B 114 10.83 -17.39 -17.61
C GLY B 114 11.93 -18.43 -17.48
N LEU B 115 13.12 -18.12 -17.96
CA LEU B 115 14.24 -19.04 -17.81
C LEU B 115 14.79 -19.01 -16.39
N ALA B 116 14.77 -17.84 -15.75
CA ALA B 116 15.14 -17.75 -14.34
C ALA B 116 14.13 -18.49 -13.47
N HIS B 117 12.88 -18.56 -13.91
CA HIS B 117 11.86 -19.26 -13.15
C HIS B 117 12.10 -20.76 -13.15
N LEU B 118 12.57 -21.29 -14.28
CA LEU B 118 12.96 -22.69 -14.32
C LEU B 118 14.20 -22.94 -13.49
N HIS B 119 15.24 -22.12 -13.68
CA HIS B 119 16.49 -22.29 -12.93
C HIS B 119 16.24 -22.22 -11.42
N SER B 120 15.23 -21.46 -10.99
CA SER B 120 14.90 -21.40 -9.58
C SER B 120 14.39 -22.75 -9.07
N LEU B 121 13.74 -23.54 -9.92
CA LEU B 121 13.22 -24.85 -9.57
C LEU B 121 14.20 -25.98 -9.90
N ASN B 122 15.43 -25.64 -10.28
CA ASN B 122 16.44 -26.63 -10.68
C ASN B 122 16.04 -27.34 -11.97
N ILE B 123 15.32 -26.65 -12.83
CA ILE B 123 14.95 -27.16 -14.15
C ILE B 123 15.84 -26.47 -15.16
N VAL B 124 16.57 -27.27 -15.94
CA VAL B 124 17.38 -26.78 -17.05
C VAL B 124 16.61 -27.07 -18.33
N HIS B 125 16.45 -26.05 -19.17
CA HIS B 125 15.68 -26.21 -20.40
C HIS B 125 16.33 -27.23 -21.33
N ARG B 126 17.66 -27.11 -21.51
CA ARG B 126 18.51 -28.04 -22.27
C ARG B 126 18.33 -27.89 -23.77
N ASP B 127 17.21 -27.30 -24.21
CA ASP B 127 17.04 -26.90 -25.60
C ASP B 127 16.40 -25.52 -25.60
N LEU B 128 17.16 -24.50 -25.99
CA LEU B 128 16.65 -23.15 -26.06
C LEU B 128 17.08 -22.56 -27.38
N LYS B 129 16.12 -21.99 -28.11
CA LYS B 129 16.37 -21.52 -29.46
C LYS B 129 15.13 -20.78 -29.96
N PRO B 130 15.25 -20.02 -31.05
CA PRO B 130 14.10 -19.23 -31.52
C PRO B 130 12.84 -20.05 -31.73
N HIS B 131 12.95 -21.30 -32.20
CA HIS B 131 11.76 -22.11 -32.42
C HIS B 131 11.07 -22.49 -31.11
N ASN B 132 11.82 -22.61 -30.02
CA ASN B 132 11.27 -22.93 -28.72
C ASN B 132 10.77 -21.69 -27.96
N ILE B 133 11.14 -20.49 -28.41
CA ILE B 133 10.54 -19.26 -27.91
C ILE B 133 9.35 -18.93 -28.80
N LEU B 134 8.14 -18.89 -28.23
CA LEU B 134 6.93 -18.71 -29.02
C LEU B 134 6.28 -17.37 -28.72
N ILE B 135 5.65 -16.81 -29.76
CA ILE B 135 4.93 -15.54 -29.67
C ILE B 135 3.45 -15.85 -29.52
N SER B 136 2.84 -15.31 -28.46
CA SER B 136 1.46 -15.62 -28.13
C SER B 136 0.50 -15.03 -29.17
N MET B 137 -0.71 -15.59 -29.19
CA MET B 137 -1.76 -15.01 -30.01
C MET B 137 -2.32 -13.76 -29.34
N PRO B 138 -2.67 -12.74 -30.11
CA PRO B 138 -3.17 -11.51 -29.49
C PRO B 138 -4.42 -11.76 -28.68
N ASN B 139 -4.48 -11.15 -27.49
CA ASN B 139 -5.63 -11.30 -26.60
C ASN B 139 -6.43 -10.01 -26.61
N ALA B 140 -7.69 -10.09 -27.01
CA ALA B 140 -8.59 -8.96 -26.80
C ALA B 140 -7.95 -7.69 -27.36
N HIS B 141 -7.53 -6.81 -26.46
CA HIS B 141 -6.89 -5.54 -26.80
C HIS B 141 -5.70 -5.70 -27.75
N GLY B 142 -5.14 -6.90 -27.86
CA GLY B 142 -4.10 -7.17 -28.82
C GLY B 142 -2.70 -7.25 -28.25
N LYS B 143 -2.55 -7.24 -26.93
CA LYS B 143 -1.24 -7.42 -26.32
C LYS B 143 -0.75 -8.85 -26.59
N ILE B 144 0.56 -8.97 -26.83
CA ILE B 144 1.18 -10.26 -27.08
C ILE B 144 2.38 -10.36 -26.16
N LYS B 145 2.67 -11.58 -25.74
CA LYS B 145 3.81 -11.90 -24.90
C LYS B 145 4.68 -12.92 -25.63
N ALA B 146 5.74 -13.34 -24.96
CA ALA B 146 6.58 -14.44 -25.42
C ALA B 146 6.62 -15.50 -24.33
N MET B 147 6.71 -16.75 -24.77
CA MET B 147 6.71 -17.88 -23.84
C MET B 147 7.74 -18.90 -24.28
N ILE B 148 8.65 -19.26 -23.38
CA ILE B 148 9.56 -20.36 -23.66
C ILE B 148 8.79 -21.67 -23.58
N SER B 149 9.13 -22.60 -24.47
CA SER B 149 8.39 -23.84 -24.66
C SER B 149 9.37 -24.97 -24.90
N ASP B 150 8.84 -26.19 -24.88
CA ASP B 150 9.59 -27.42 -25.14
C ASP B 150 10.58 -27.77 -24.03
N PHE B 151 10.45 -27.14 -22.86
CA PHE B 151 11.24 -27.57 -21.71
C PHE B 151 10.79 -28.96 -21.26
N GLY B 152 11.70 -29.66 -20.58
CA GLY B 152 11.39 -30.99 -20.07
C GLY B 152 11.28 -32.06 -21.13
N LEU B 153 12.11 -32.00 -22.17
CA LEU B 153 12.14 -33.01 -23.22
C LEU B 153 13.59 -33.45 -23.44
N CYS B 154 13.84 -34.74 -23.25
CA CYS B 154 15.15 -35.35 -23.41
C CYS B 154 15.13 -36.31 -24.60
N LYS B 155 16.14 -36.21 -25.47
CA LYS B 155 16.26 -37.06 -26.64
C LYS B 155 17.01 -38.34 -26.25
N LYS B 156 16.37 -39.48 -26.43
CA LYS B 156 16.93 -40.76 -26.01
C LYS B 156 18.09 -41.17 -26.91
N LEU B 157 18.94 -42.06 -26.39
CA LEU B 157 20.10 -42.56 -27.13
C LEU B 157 19.71 -43.74 -28.02
N VAL B 170 22.54 -36.67 -27.30
CA VAL B 170 22.78 -35.44 -26.55
C VAL B 170 21.60 -34.48 -26.76
N PRO B 171 21.13 -33.84 -25.69
CA PRO B 171 19.99 -32.92 -25.83
C PRO B 171 20.36 -31.65 -26.58
N GLY B 172 19.32 -31.00 -27.12
CA GLY B 172 19.46 -29.72 -27.76
C GLY B 172 19.50 -29.82 -29.27
N THR B 173 19.51 -28.64 -29.88
CA THR B 173 19.54 -28.48 -31.33
C THR B 173 20.90 -27.93 -31.75
N GLU B 174 21.48 -28.52 -32.80
CA GLU B 174 22.79 -28.12 -33.26
C GLU B 174 22.84 -26.64 -33.62
N GLY B 175 23.88 -25.96 -33.13
CA GLY B 175 24.08 -24.55 -33.31
C GLY B 175 23.77 -23.72 -32.07
N TRP B 176 22.90 -24.22 -31.18
CA TRP B 176 22.62 -23.59 -29.90
C TRP B 176 23.24 -24.30 -28.70
N ILE B 177 23.97 -25.40 -28.89
CA ILE B 177 24.44 -26.23 -27.78
C ILE B 177 25.78 -25.72 -27.27
N ALA B 178 25.88 -25.53 -25.96
CA ALA B 178 27.12 -25.04 -25.37
C ALA B 178 28.25 -26.05 -25.56
N PRO B 179 29.50 -25.58 -25.58
CA PRO B 179 30.62 -26.50 -25.89
C PRO B 179 30.81 -27.60 -24.87
N GLU B 180 30.59 -27.33 -23.59
CA GLU B 180 30.96 -28.30 -22.56
C GLU B 180 30.08 -29.55 -22.62
N MET B 181 28.85 -29.42 -23.11
CA MET B 181 27.95 -30.58 -23.16
C MET B 181 28.47 -31.65 -24.10
N LEU B 182 29.25 -31.25 -25.12
CA LEU B 182 29.85 -32.19 -26.05
C LEU B 182 31.08 -32.89 -25.46
N SER B 183 31.59 -32.44 -24.33
CA SER B 183 32.70 -33.09 -23.64
C SER B 183 32.18 -34.37 -22.96
N GLU B 184 33.04 -34.99 -22.14
CA GLU B 184 32.73 -36.26 -21.48
C GLU B 184 32.43 -35.99 -20.01
N ASP B 185 31.24 -36.40 -19.56
CA ASP B 185 30.80 -36.24 -18.18
C ASP B 185 29.34 -36.66 -18.01
N ASN B 189 24.56 -34.64 -16.59
CA ASN B 189 24.64 -33.65 -15.52
C ASN B 189 24.78 -32.19 -15.99
N PRO B 190 23.87 -31.73 -16.85
CA PRO B 190 23.88 -30.31 -17.23
C PRO B 190 23.29 -29.41 -16.15
N THR B 191 23.87 -28.22 -16.00
CA THR B 191 23.43 -27.19 -15.08
C THR B 191 22.73 -26.08 -15.85
N TYR B 192 22.34 -25.03 -15.11
CA TYR B 192 21.64 -23.91 -15.71
C TYR B 192 22.51 -23.14 -16.71
N THR B 193 23.84 -23.26 -16.63
CA THR B 193 24.70 -22.48 -17.51
C THR B 193 24.60 -22.93 -18.96
N VAL B 194 24.10 -24.14 -19.21
CA VAL B 194 23.83 -24.56 -20.58
C VAL B 194 22.80 -23.63 -21.22
N ASP B 195 21.76 -23.27 -20.47
CA ASP B 195 20.72 -22.40 -21.01
C ASP B 195 21.22 -20.97 -21.19
N ILE B 196 22.17 -20.53 -20.36
CA ILE B 196 22.71 -19.18 -20.50
C ILE B 196 23.44 -19.04 -21.83
N PHE B 197 24.10 -20.11 -22.28
CA PHE B 197 24.78 -20.06 -23.56
C PHE B 197 23.78 -19.89 -24.70
N SER B 198 22.76 -20.75 -24.74
CA SER B 198 21.74 -20.62 -25.77
C SER B 198 21.11 -19.24 -25.73
N ALA B 199 20.82 -18.73 -24.53
CA ALA B 199 20.24 -17.39 -24.40
C ALA B 199 21.14 -16.34 -25.02
N GLY B 200 22.45 -16.43 -24.78
CA GLY B 200 23.36 -15.45 -25.35
C GLY B 200 23.31 -15.42 -26.86
N CYS B 201 23.19 -16.59 -27.49
CA CYS B 201 23.02 -16.62 -28.94
C CYS B 201 21.67 -16.04 -29.37
N VAL B 202 20.62 -16.34 -28.61
CA VAL B 202 19.30 -15.77 -28.92
C VAL B 202 19.33 -14.26 -28.78
N PHE B 203 20.04 -13.76 -27.77
CA PHE B 203 20.13 -12.31 -27.58
C PHE B 203 20.75 -11.66 -28.80
N TYR B 204 21.90 -12.17 -29.25
CA TYR B 204 22.51 -11.65 -30.46
C TYR B 204 21.62 -11.89 -31.67
N TYR B 205 20.87 -13.00 -31.67
CA TYR B 205 19.99 -13.28 -32.81
C TYR B 205 18.91 -12.23 -32.94
N VAL B 206 18.29 -11.86 -31.82
CA VAL B 206 17.22 -10.86 -31.84
C VAL B 206 17.80 -9.48 -32.13
N ILE B 207 18.84 -9.08 -31.39
CA ILE B 207 19.44 -7.76 -31.57
C ILE B 207 19.96 -7.60 -32.99
N SER B 208 20.73 -8.57 -33.47
CA SER B 208 21.35 -8.46 -34.78
C SER B 208 20.37 -8.56 -35.92
N GLU B 209 19.10 -8.89 -35.64
CA GLU B 209 18.07 -9.06 -36.66
C GLU B 209 18.43 -10.17 -37.64
N GLY B 210 18.60 -11.38 -37.09
CA GLY B 210 18.77 -12.61 -37.85
C GLY B 210 20.17 -13.20 -37.84
N SER B 211 21.20 -12.43 -37.50
CA SER B 211 22.55 -12.98 -37.47
C SER B 211 22.76 -13.84 -36.22
N HIS B 212 23.79 -14.67 -36.28
CA HIS B 212 24.16 -15.57 -35.19
C HIS B 212 25.63 -15.33 -34.85
N PRO B 213 26.03 -15.50 -33.58
CA PRO B 213 27.44 -15.27 -33.23
C PRO B 213 28.41 -16.08 -34.08
N PHE B 214 28.00 -17.28 -34.48
CA PHE B 214 28.72 -18.15 -35.40
C PHE B 214 28.03 -18.13 -36.75
N GLY B 215 28.80 -18.35 -37.82
CA GLY B 215 28.34 -17.87 -39.11
C GLY B 215 26.98 -18.39 -39.57
N LYS B 216 26.74 -19.69 -39.55
CA LYS B 216 25.49 -20.26 -40.06
C LYS B 216 25.29 -21.65 -39.48
N SER B 217 24.09 -22.19 -39.71
CA SER B 217 23.69 -23.44 -39.09
C SER B 217 24.68 -24.56 -39.39
N LEU B 218 25.22 -24.59 -40.61
CA LEU B 218 26.14 -25.67 -40.93
C LEU B 218 27.44 -25.52 -40.15
N GLN B 219 27.95 -24.29 -40.09
CA GLN B 219 29.18 -24.00 -39.38
C GLN B 219 28.94 -23.42 -37.98
N ARG B 220 27.68 -23.31 -37.55
CA ARG B 220 27.39 -22.75 -36.23
C ARG B 220 27.90 -23.65 -35.11
N GLN B 221 27.48 -24.92 -35.11
CA GLN B 221 27.85 -25.82 -34.03
C GLN B 221 29.34 -26.09 -34.03
N ALA B 222 29.94 -26.26 -35.21
CA ALA B 222 31.38 -26.45 -35.31
C ALA B 222 32.14 -25.26 -34.73
N ASN B 223 31.65 -24.04 -35.00
CA ASN B 223 32.32 -22.85 -34.50
C ASN B 223 32.25 -22.76 -32.99
N ILE B 224 31.14 -23.19 -32.38
CA ILE B 224 31.05 -23.19 -30.92
C ILE B 224 32.19 -23.99 -30.31
N LEU B 225 32.50 -25.14 -30.90
CA LEU B 225 33.55 -25.98 -30.37
C LEU B 225 34.90 -25.29 -30.43
N LEU B 226 35.18 -24.57 -31.50
CA LEU B 226 36.44 -23.87 -31.66
C LEU B 226 36.39 -22.43 -31.14
N GLY B 227 35.27 -22.01 -30.58
CA GLY B 227 35.14 -20.66 -30.06
C GLY B 227 35.41 -19.66 -31.17
N ALA B 228 34.69 -19.80 -32.28
CA ALA B 228 34.84 -18.94 -33.44
C ALA B 228 33.84 -17.79 -33.44
N CYS B 229 33.14 -17.58 -32.33
CA CYS B 229 32.10 -16.56 -32.26
C CYS B 229 32.64 -15.22 -32.71
N SER B 230 31.81 -14.51 -33.49
CA SER B 230 32.11 -13.17 -33.95
C SER B 230 30.82 -12.36 -33.92
N LEU B 231 30.85 -11.22 -33.25
CA LEU B 231 29.69 -10.33 -33.21
C LEU B 231 30.07 -9.13 -34.06
N ASP B 232 29.66 -9.16 -35.32
CA ASP B 232 29.90 -8.06 -36.24
C ASP B 232 28.80 -7.02 -36.21
N CYS B 233 27.54 -7.45 -36.11
CA CYS B 233 26.40 -6.56 -36.25
C CYS B 233 26.36 -5.50 -35.17
N LEU B 234 27.11 -5.68 -34.08
CA LEU B 234 27.16 -4.72 -33.00
C LEU B 234 28.28 -3.71 -33.26
N HIS B 235 27.92 -2.45 -33.47
CA HIS B 235 28.93 -1.44 -33.75
C HIS B 235 29.77 -1.19 -32.50
N PRO B 236 31.10 -1.12 -32.62
CA PRO B 236 31.92 -0.80 -31.43
C PRO B 236 31.77 0.64 -30.97
N GLU B 237 31.35 1.55 -31.86
CA GLU B 237 31.24 2.97 -31.56
C GLU B 237 29.83 3.41 -31.16
N LYS B 238 28.89 2.48 -31.03
CA LYS B 238 27.53 2.80 -30.59
C LYS B 238 27.31 2.28 -29.19
N HIS B 239 26.87 3.18 -28.29
CA HIS B 239 26.65 2.84 -26.90
C HIS B 239 25.73 1.63 -26.75
N GLU B 240 24.58 1.66 -27.42
CA GLU B 240 23.61 0.57 -27.29
C GLU B 240 24.23 -0.77 -27.64
N ASP B 241 25.05 -0.80 -28.70
CA ASP B 241 25.64 -2.06 -29.14
C ASP B 241 26.78 -2.49 -28.23
N VAL B 242 27.48 -1.53 -27.60
CA VAL B 242 28.57 -1.90 -26.69
C VAL B 242 28.00 -2.56 -25.44
N ILE B 243 26.87 -2.05 -24.94
CA ILE B 243 26.24 -2.64 -23.76
C ILE B 243 25.84 -4.07 -24.04
N ALA B 244 25.16 -4.30 -25.17
CA ALA B 244 24.72 -5.64 -25.50
C ALA B 244 25.89 -6.58 -25.72
N ARG B 245 26.95 -6.10 -26.37
CA ARG B 245 28.12 -6.95 -26.60
C ARG B 245 28.69 -7.42 -25.27
N GLU B 246 28.87 -6.49 -24.33
CA GLU B 246 29.41 -6.83 -23.02
C GLU B 246 28.59 -7.92 -22.35
N LEU B 247 27.27 -7.83 -22.47
CA LEU B 247 26.42 -8.86 -21.87
C LEU B 247 26.53 -10.17 -22.64
N ILE B 248 26.42 -10.10 -23.96
CA ILE B 248 26.33 -11.32 -24.77
C ILE B 248 27.59 -12.15 -24.64
N GLU B 249 28.77 -11.52 -24.77
CA GLU B 249 30.00 -12.30 -24.80
C GLU B 249 30.26 -12.99 -23.47
N LYS B 250 29.75 -12.44 -22.37
CA LYS B 250 29.84 -13.15 -21.10
C LYS B 250 28.89 -14.36 -21.08
N MET B 251 27.72 -14.21 -21.71
CA MET B 251 26.73 -15.28 -21.73
C MET B 251 27.21 -16.49 -22.54
N ILE B 252 27.89 -16.24 -23.66
CA ILE B 252 28.33 -17.31 -24.56
C ILE B 252 29.75 -17.75 -24.27
N ALA B 253 30.34 -17.24 -23.18
CA ALA B 253 31.72 -17.55 -22.85
C ALA B 253 31.97 -19.06 -22.84
N MET B 254 33.11 -19.47 -23.41
CA MET B 254 33.43 -20.89 -23.48
C MET B 254 33.58 -21.49 -22.08
N ASP B 255 34.11 -20.74 -21.14
CA ASP B 255 34.25 -21.23 -19.77
C ASP B 255 32.91 -21.03 -19.07
N PRO B 256 32.19 -22.11 -18.73
CA PRO B 256 30.84 -21.94 -18.16
C PRO B 256 30.81 -21.24 -16.82
N GLN B 257 31.91 -21.25 -16.06
CA GLN B 257 31.92 -20.59 -14.76
C GLN B 257 31.89 -19.07 -14.88
N LYS B 258 32.17 -18.52 -16.07
CA LYS B 258 32.12 -17.08 -16.29
C LYS B 258 30.76 -16.59 -16.78
N ARG B 259 29.80 -17.49 -16.97
CA ARG B 259 28.49 -17.09 -17.50
C ARG B 259 27.59 -16.62 -16.36
N PRO B 260 26.91 -15.48 -16.50
CA PRO B 260 26.00 -15.04 -15.45
C PRO B 260 24.74 -15.88 -15.39
N SER B 261 24.12 -15.91 -14.22
CA SER B 261 22.86 -16.61 -14.07
C SER B 261 21.75 -15.80 -14.75
N ALA B 262 20.54 -16.36 -14.75
CA ALA B 262 19.44 -15.66 -15.39
C ALA B 262 19.11 -14.37 -14.68
N LYS B 263 19.13 -14.39 -13.34
CA LYS B 263 18.82 -13.17 -12.59
C LYS B 263 19.95 -12.15 -12.69
N HIS B 264 21.20 -12.60 -12.89
CA HIS B 264 22.28 -11.67 -13.14
C HIS B 264 22.02 -10.88 -14.42
N VAL B 265 21.59 -11.57 -15.47
CA VAL B 265 21.37 -10.94 -16.77
C VAL B 265 20.31 -9.85 -16.66
N LEU B 266 19.23 -10.12 -15.91
CA LEU B 266 18.13 -9.17 -15.83
C LEU B 266 18.54 -7.86 -15.18
N LYS B 267 19.61 -7.85 -14.39
CA LYS B 267 20.12 -6.63 -13.79
C LYS B 267 21.08 -5.88 -14.69
N HIS B 268 21.35 -6.39 -15.89
CA HIS B 268 22.37 -5.79 -16.73
C HIS B 268 21.90 -4.44 -17.27
N PRO B 269 22.83 -3.52 -17.54
CA PRO B 269 22.44 -2.25 -18.15
C PRO B 269 21.75 -2.42 -19.49
N PHE B 270 21.87 -3.59 -20.10
CA PHE B 270 21.19 -3.84 -21.36
C PHE B 270 19.68 -3.69 -21.23
N PHE B 271 19.15 -3.96 -20.04
CA PHE B 271 17.70 -3.88 -19.80
C PHE B 271 17.26 -2.57 -19.17
N TRP B 272 18.19 -1.66 -18.86
CA TRP B 272 17.82 -0.45 -18.13
C TRP B 272 17.09 0.55 -19.03
N SER B 273 16.19 1.31 -18.41
CA SER B 273 15.56 2.44 -19.08
C SER B 273 16.57 3.58 -19.20
N LEU B 274 16.15 4.67 -19.83
CA LEU B 274 17.04 5.80 -20.01
C LEU B 274 17.27 6.54 -18.70
N GLU B 275 16.22 6.78 -17.93
CA GLU B 275 16.40 7.48 -16.66
C GLU B 275 17.21 6.65 -15.67
N LYS B 276 17.10 5.32 -15.74
CA LYS B 276 17.91 4.49 -14.86
C LYS B 276 19.39 4.59 -15.22
N GLN B 277 19.70 4.61 -16.52
CA GLN B 277 21.08 4.86 -16.94
C GLN B 277 21.59 6.16 -16.35
N LEU B 278 20.83 7.24 -16.51
CA LEU B 278 21.26 8.53 -15.96
C LEU B 278 21.34 8.47 -14.45
N GLN B 279 20.43 7.74 -13.81
CA GLN B 279 20.47 7.60 -12.36
C GLN B 279 21.71 6.85 -11.91
N PHE B 280 22.17 5.89 -12.70
CA PHE B 280 23.42 5.18 -12.38
C PHE B 280 24.60 6.13 -12.47
N PHE B 281 24.67 6.93 -13.55
CA PHE B 281 25.77 7.87 -13.70
C PHE B 281 25.85 8.85 -12.53
N GLN B 282 24.70 9.34 -12.08
CA GLN B 282 24.70 10.27 -10.95
C GLN B 282 25.08 9.54 -9.66
N ASP B 283 24.47 8.39 -9.40
CA ASP B 283 24.79 7.62 -8.20
C ASP B 283 26.26 7.24 -8.16
N VAL B 284 26.88 7.04 -9.33
CA VAL B 284 28.31 6.76 -9.37
C VAL B 284 29.10 8.00 -8.96
N SER B 285 28.76 9.15 -9.56
CA SER B 285 29.48 10.38 -9.27
C SER B 285 29.47 10.69 -7.78
N ASP B 286 28.29 10.58 -7.14
CA ASP B 286 28.22 10.80 -5.72
C ASP B 286 29.02 9.77 -4.95
N ARG B 287 29.00 8.52 -5.42
CA ARG B 287 29.74 7.45 -4.73
C ARG B 287 31.24 7.63 -4.87
N ILE B 288 31.71 8.23 -5.97
CA ILE B 288 33.15 8.24 -6.20
C ILE B 288 33.82 9.28 -5.31
N GLU B 289 33.06 10.23 -4.77
CA GLU B 289 33.59 11.21 -3.82
C GLU B 289 33.14 10.83 -2.40
N LYS B 290 34.04 10.77 -1.41
CA LYS B 290 35.44 11.14 -1.51
C LYS B 290 36.29 9.89 -1.70
N GLU B 291 37.11 9.87 -2.75
CA GLU B 291 38.06 8.79 -2.99
C GLU B 291 39.37 9.42 -3.43
N SER B 292 40.45 9.11 -2.71
CA SER B 292 41.73 9.76 -2.99
C SER B 292 42.30 9.32 -4.33
N LEU B 293 42.29 8.02 -4.61
CA LEU B 293 42.78 7.48 -5.88
C LEU B 293 44.27 7.75 -6.21
N ASP B 294 45.24 7.23 -5.46
CA ASP B 294 45.09 6.51 -4.19
C ASP B 294 44.24 5.23 -4.27
N GLY B 295 43.06 5.25 -3.65
CA GLY B 295 42.26 4.06 -3.49
C GLY B 295 41.90 3.34 -4.77
N PRO B 296 41.45 2.09 -4.64
CA PRO B 296 41.21 1.25 -5.82
C PRO B 296 40.06 1.71 -6.70
N ILE B 297 39.03 2.33 -6.14
CA ILE B 297 37.82 2.62 -6.92
C ILE B 297 38.13 3.59 -8.04
N VAL B 298 38.72 4.74 -7.71
CA VAL B 298 38.99 5.73 -8.76
C VAL B 298 40.12 5.24 -9.67
N LYS B 299 41.11 4.57 -9.10
CA LYS B 299 42.17 3.98 -9.92
C LYS B 299 41.60 2.94 -10.87
N GLN B 300 40.70 2.08 -10.37
CA GLN B 300 40.07 1.08 -11.23
C GLN B 300 39.26 1.74 -12.33
N LEU B 301 38.52 2.80 -12.00
CA LEU B 301 37.71 3.49 -13.02
C LEU B 301 38.60 4.21 -14.01
N GLU B 302 39.60 4.96 -13.53
CA GLU B 302 40.46 5.68 -14.44
C GLU B 302 41.42 4.75 -15.18
N ARG B 303 41.50 3.49 -14.77
CA ARG B 303 42.40 2.54 -15.43
C ARG B 303 42.03 2.39 -16.89
N GLY B 304 40.75 2.12 -17.16
CA GLY B 304 40.33 1.77 -18.51
C GLY B 304 40.63 2.86 -19.51
N GLY B 305 40.32 4.11 -19.17
CA GLY B 305 40.61 5.20 -20.08
C GLY B 305 41.20 6.40 -19.38
N ARG B 306 42.07 7.18 -20.04
CA ARG B 306 42.62 6.85 -21.36
C ARG B 306 41.55 6.78 -22.46
N ALA B 307 41.37 5.60 -23.09
CA ALA B 307 40.55 5.51 -24.30
C ALA B 307 39.14 6.01 -24.06
N VAL B 308 38.53 5.62 -22.94
CA VAL B 308 37.14 5.97 -22.68
C VAL B 308 36.98 7.48 -22.66
N VAL B 309 37.89 8.19 -21.98
CA VAL B 309 37.82 9.65 -21.92
C VAL B 309 38.43 10.28 -23.16
N LYS B 310 39.01 9.48 -24.05
CA LYS B 310 39.68 9.86 -25.30
C LYS B 310 40.84 10.84 -25.05
N MET B 311 41.05 11.79 -25.98
CA MET B 311 42.09 12.79 -25.80
C MET B 311 41.65 13.80 -24.74
N ASP B 312 40.35 14.06 -24.71
CA ASP B 312 39.67 14.78 -23.65
C ASP B 312 38.20 14.81 -24.03
N TRP B 313 37.30 14.80 -23.03
CA TRP B 313 35.88 14.81 -23.35
C TRP B 313 35.39 16.20 -23.72
N ARG B 314 36.07 17.25 -23.26
CA ARG B 314 35.69 18.60 -23.62
C ARG B 314 35.78 18.84 -25.12
N GLU B 315 36.54 18.01 -25.85
CA GLU B 315 36.67 18.18 -27.29
C GLU B 315 35.46 17.65 -28.06
N ASN B 316 34.82 16.60 -27.56
CA ASN B 316 33.75 15.92 -28.27
C ASN B 316 32.36 16.43 -27.90
N ILE B 317 32.28 17.50 -27.12
CA ILE B 317 31.00 18.06 -26.68
C ILE B 317 30.74 19.33 -27.47
N THR B 318 29.45 19.62 -27.66
CA THR B 318 29.03 20.72 -28.51
C THR B 318 29.52 22.06 -27.97
N VAL B 319 29.59 23.05 -28.87
CA VAL B 319 30.22 24.34 -28.51
C VAL B 319 29.54 24.98 -27.33
N PRO B 320 28.20 25.01 -27.22
CA PRO B 320 27.58 25.65 -26.04
C PRO B 320 28.02 25.02 -24.73
N LEU B 321 28.11 23.69 -24.67
CA LEU B 321 28.56 23.05 -23.44
C LEU B 321 30.04 23.36 -23.19
N GLN B 322 30.83 23.45 -24.27
CA GLN B 322 32.23 23.84 -24.14
C GLN B 322 32.35 25.22 -23.51
N THR B 323 31.51 26.16 -23.95
CA THR B 323 31.59 27.53 -23.44
C THR B 323 31.28 27.58 -21.95
N ASP B 324 30.21 26.89 -21.54
CA ASP B 324 29.85 26.84 -20.12
C ASP B 324 30.97 26.24 -19.28
N LEU B 325 31.69 25.26 -19.82
CA LEU B 325 32.77 24.63 -19.06
C LEU B 325 33.94 25.55 -18.82
N ARG B 326 33.99 26.70 -19.50
CA ARG B 326 35.05 27.67 -19.27
C ARG B 326 34.99 28.27 -17.88
N LYS B 327 33.84 28.19 -17.20
CA LYS B 327 33.70 28.81 -15.88
C LYS B 327 34.55 28.10 -14.83
N PHE B 328 34.58 26.78 -14.85
CA PHE B 328 35.39 26.03 -13.90
C PHE B 328 35.42 24.55 -14.26
N THR B 330 37.18 23.44 -11.96
CA THR B 330 38.23 22.77 -12.71
C THR B 330 37.80 21.37 -13.12
N TYR B 331 37.53 21.18 -14.41
CA TYR B 331 37.20 19.88 -14.98
C TYR B 331 38.34 19.48 -15.89
N LYS B 332 38.93 18.30 -15.63
CA LYS B 332 40.14 17.90 -16.33
C LYS B 332 39.91 17.74 -17.83
N GLY B 333 39.01 16.83 -18.20
CA GLY B 333 38.72 16.51 -19.58
C GLY B 333 39.36 15.22 -20.05
N GLY B 334 40.46 14.80 -19.42
CA GLY B 334 41.09 13.53 -19.67
C GLY B 334 40.85 12.48 -18.61
N SER B 335 39.93 12.71 -17.68
CA SER B 335 39.63 11.81 -16.58
C SER B 335 38.19 11.35 -16.74
N VAL B 336 37.95 10.04 -16.60
CA VAL B 336 36.59 9.53 -16.64
C VAL B 336 35.80 10.01 -15.42
N ARG B 337 36.44 10.07 -14.25
CA ARG B 337 35.76 10.55 -13.05
C ARG B 337 35.30 11.99 -13.20
N ASP B 338 36.13 12.85 -13.79
CA ASP B 338 35.75 14.25 -13.97
C ASP B 338 34.57 14.37 -14.91
N LEU B 339 34.50 13.51 -15.93
CA LEU B 339 33.35 13.53 -16.84
C LEU B 339 32.07 13.19 -16.08
N LEU B 340 32.13 12.21 -15.19
CA LEU B 340 30.96 11.85 -14.40
C LEU B 340 30.56 12.99 -13.45
N ARG B 341 31.55 13.68 -12.89
CA ARG B 341 31.26 14.79 -12.00
C ARG B 341 30.50 15.89 -12.73
N ALA B 342 30.91 16.21 -13.95
CA ALA B 342 30.23 17.24 -14.73
C ALA B 342 28.80 16.83 -15.04
N MET B 343 28.58 15.55 -15.31
CA MET B 343 27.24 15.07 -15.61
C MET B 343 26.31 15.22 -14.42
N ARG B 344 26.79 14.87 -13.22
CA ARG B 344 26.00 15.09 -12.01
C ARG B 344 25.79 16.59 -11.79
N ASN B 345 26.79 17.40 -12.14
CA ASN B 345 26.69 18.83 -11.91
C ASN B 345 25.67 19.48 -12.84
N LYS B 346 25.78 19.21 -14.14
CA LYS B 346 24.87 19.82 -15.10
C LYS B 346 23.45 19.27 -14.98
N LYS B 347 23.28 18.07 -14.43
CA LYS B 347 21.94 17.53 -14.22
C LYS B 347 21.28 18.16 -13.01
N HIS B 348 22.01 18.28 -11.90
CA HIS B 348 21.43 18.87 -10.69
C HIS B 348 21.17 20.36 -10.86
N HIS B 349 22.08 21.07 -11.53
CA HIS B 349 21.99 22.51 -11.75
C HIS B 349 21.32 22.86 -13.06
N TYR B 350 20.72 21.88 -13.74
CA TYR B 350 20.21 22.06 -15.09
C TYR B 350 19.36 23.33 -15.23
N ARG B 351 18.45 23.56 -14.28
CA ARG B 351 17.55 24.71 -14.39
C ARG B 351 18.29 26.04 -14.38
N GLU B 352 19.47 26.09 -13.77
CA GLU B 352 20.22 27.31 -13.57
C GLU B 352 21.08 27.73 -14.75
N LEU B 353 21.15 26.91 -15.80
CA LEU B 353 22.10 27.05 -16.90
C LEU B 353 21.56 27.89 -18.05
N PRO B 354 22.43 28.47 -18.88
CA PRO B 354 21.96 29.24 -20.03
C PRO B 354 21.08 28.39 -20.94
N ALA B 355 20.07 29.04 -21.54
CA ALA B 355 19.17 28.36 -22.45
C ALA B 355 19.89 27.75 -23.64
N GLU B 356 21.07 28.27 -24.00
CA GLU B 356 21.86 27.64 -25.05
C GLU B 356 22.42 26.31 -24.58
N VAL B 357 22.79 26.22 -23.30
CA VAL B 357 23.30 24.97 -22.76
C VAL B 357 22.17 23.94 -22.65
N ARG B 358 21.04 24.35 -22.05
CA ARG B 358 19.88 23.48 -21.96
C ARG B 358 19.33 23.08 -23.32
N GLU B 359 19.59 23.87 -24.36
CA GLU B 359 19.11 23.52 -25.69
C GLU B 359 19.93 22.39 -26.28
N THR B 360 21.26 22.45 -26.12
CA THR B 360 22.16 21.43 -26.65
C THR B 360 22.24 20.20 -25.75
N LEU B 361 21.60 20.21 -24.59
CA LEU B 361 21.67 19.10 -23.64
C LEU B 361 20.32 18.38 -23.50
N GLY B 362 19.32 19.04 -22.91
CA GLY B 362 18.08 18.37 -22.57
C GLY B 362 17.24 18.03 -23.79
N SER B 363 16.02 17.55 -23.61
CA SER B 363 15.34 17.45 -22.30
C SER B 363 15.85 16.33 -21.38
N LEU B 364 15.31 16.28 -20.17
CA LEU B 364 15.63 15.25 -19.18
C LEU B 364 14.50 14.22 -19.09
N PRO B 365 14.82 13.00 -18.62
CA PRO B 365 16.13 12.36 -18.48
C PRO B 365 16.74 11.90 -19.80
N ASP B 366 15.90 11.79 -20.84
CA ASP B 366 16.24 11.00 -22.01
C ASP B 366 17.33 11.65 -22.86
N ASP B 367 17.00 12.76 -23.53
CA ASP B 367 17.97 13.40 -24.42
C ASP B 367 19.24 13.81 -23.69
N PHE B 368 19.17 13.99 -22.37
CA PHE B 368 20.35 14.41 -21.62
C PHE B 368 21.39 13.31 -21.55
N VAL B 369 20.98 12.10 -21.16
CA VAL B 369 21.95 11.02 -21.02
C VAL B 369 22.46 10.58 -22.38
N CYS B 370 21.59 10.60 -23.40
CA CYS B 370 22.00 10.18 -24.73
C CYS B 370 23.07 11.11 -25.30
N TYR B 371 23.09 12.37 -24.87
CA TYR B 371 24.12 13.30 -25.30
C TYR B 371 25.50 12.77 -24.97
N PHE B 372 25.68 12.26 -23.74
CA PHE B 372 26.98 11.76 -23.31
C PHE B 372 27.25 10.34 -23.80
N THR B 373 26.25 9.46 -23.71
CA THR B 373 26.46 8.08 -24.12
C THR B 373 26.67 7.95 -25.62
N SER B 374 26.03 8.81 -26.41
CA SER B 374 26.27 8.78 -27.85
C SER B 374 27.68 9.27 -28.19
N ARG B 375 28.14 10.33 -27.51
CA ARG B 375 29.47 10.84 -27.77
C ARG B 375 30.54 9.94 -27.18
N PHE B 376 30.21 9.21 -26.12
CA PHE B 376 31.14 8.31 -25.42
C PHE B 376 30.51 6.94 -25.26
N PRO B 377 30.60 6.08 -26.27
CA PRO B 377 29.84 4.82 -26.24
C PRO B 377 30.28 3.85 -25.17
N HIS B 378 31.55 3.86 -24.78
CA HIS B 378 32.05 2.93 -23.78
C HIS B 378 31.91 3.45 -22.36
N LEU B 379 31.34 4.64 -22.17
CA LEU B 379 31.30 5.24 -20.84
C LEU B 379 30.46 4.40 -19.89
N LEU B 380 29.25 4.03 -20.31
CA LEU B 380 28.38 3.26 -19.43
C LEU B 380 28.96 1.87 -19.19
N ALA B 381 29.37 1.19 -20.26
CA ALA B 381 29.95 -0.14 -20.12
C ALA B 381 31.19 -0.10 -19.23
N HIS B 382 32.08 0.86 -19.47
CA HIS B 382 33.29 0.96 -18.67
C HIS B 382 32.97 1.19 -17.20
N THR B 383 32.18 2.22 -16.90
CA THR B 383 31.87 2.53 -15.51
C THR B 383 31.19 1.35 -14.83
N TYR B 384 30.31 0.65 -15.54
CA TYR B 384 29.56 -0.42 -14.91
C TYR B 384 30.48 -1.52 -14.41
N ARG B 385 31.44 -1.93 -15.25
CA ARG B 385 32.38 -2.96 -14.84
C ARG B 385 33.34 -2.44 -13.77
N ALA B 386 33.83 -1.21 -13.90
CA ALA B 386 34.76 -0.66 -12.93
C ALA B 386 34.11 -0.54 -11.55
N MET B 387 32.82 -0.30 -11.50
CA MET B 387 32.11 -0.07 -10.25
C MET B 387 31.53 -1.34 -9.65
N GLU B 388 31.83 -2.50 -10.22
CA GLU B 388 31.38 -3.77 -9.63
C GLU B 388 31.86 -3.94 -8.20
N LEU B 389 32.87 -3.20 -7.78
CA LEU B 389 33.41 -3.32 -6.43
C LEU B 389 32.36 -3.00 -5.37
N CYS B 390 31.37 -2.16 -5.70
CA CYS B 390 30.32 -1.75 -4.76
C CYS B 390 29.04 -2.57 -4.89
N SER B 391 29.04 -3.63 -5.69
CA SER B 391 27.81 -4.34 -6.02
C SER B 391 27.00 -4.77 -4.80
N HIS B 392 27.67 -4.99 -3.66
CA HIS B 392 26.96 -5.48 -2.47
C HIS B 392 26.21 -4.38 -1.73
N GLU B 393 26.57 -3.12 -1.93
CA GLU B 393 25.95 -2.03 -1.20
C GLU B 393 24.47 -1.90 -1.55
N ARG B 394 23.70 -1.38 -0.59
CA ARG B 394 22.27 -1.20 -0.80
C ARG B 394 21.98 -0.14 -1.84
N LEU B 395 22.84 0.87 -1.97
CA LEU B 395 22.60 1.94 -2.93
C LEU B 395 22.73 1.43 -4.36
N PHE B 396 23.63 0.48 -4.60
CA PHE B 396 23.81 -0.12 -5.92
C PHE B 396 23.05 -1.42 -6.10
N GLN B 397 22.25 -1.83 -5.11
CA GLN B 397 21.46 -3.04 -5.25
C GLN B 397 20.62 -3.08 -6.51
N PRO B 398 20.05 -1.97 -7.00
CA PRO B 398 19.31 -2.03 -8.27
C PRO B 398 20.19 -2.29 -9.48
N TYR B 399 21.45 -1.85 -9.46
CA TYR B 399 22.31 -1.95 -10.63
C TYR B 399 23.07 -3.27 -10.73
N TYR B 400 23.09 -4.06 -9.66
CA TYR B 400 23.84 -5.30 -9.62
C TYR B 400 22.98 -6.36 -8.95
N PHE B 401 23.33 -7.63 -9.16
CA PHE B 401 22.59 -8.71 -8.53
C PHE B 401 22.92 -8.84 -7.06
N HIS B 402 24.20 -8.82 -6.71
CA HIS B 402 24.62 -8.99 -5.32
C HIS B 402 24.06 -10.27 -4.70
N VAL C 2 28.00 18.63 29.53
CA VAL C 2 26.73 18.95 28.88
C VAL C 2 26.69 18.28 27.50
N VAL C 3 26.13 17.07 27.47
CA VAL C 3 26.08 16.29 26.23
C VAL C 3 25.14 16.96 25.24
N ILE C 4 25.50 16.91 23.95
CA ILE C 4 24.67 17.44 22.88
C ILE C 4 24.65 16.42 21.74
N VAL C 5 23.48 15.85 21.48
CA VAL C 5 23.21 15.11 20.26
C VAL C 5 22.11 15.89 19.56
N GLY C 6 22.46 16.54 18.47
CA GLY C 6 21.56 17.50 17.84
C GLY C 6 20.24 16.87 17.43
N LYS C 7 19.10 17.50 17.73
CA LYS C 7 19.03 18.83 18.33
C LYS C 7 18.96 18.78 19.84
N ILE C 8 19.02 17.58 20.43
CA ILE C 8 18.75 17.41 21.85
C ILE C 8 19.97 17.84 22.66
N SER C 9 19.71 18.50 23.79
CA SER C 9 20.75 19.01 24.67
C SER C 9 20.36 18.76 26.12
N PHE C 10 21.21 18.05 26.85
CA PHE C 10 21.00 17.79 28.27
C PHE C 10 22.35 17.71 28.97
N CYS C 11 22.31 17.83 30.30
CA CYS C 11 23.50 17.73 31.13
C CYS C 11 23.31 16.63 32.17
N PRO C 12 24.32 15.80 32.43
CA PRO C 12 24.18 14.78 33.49
C PRO C 12 24.16 15.40 34.87
N LYS C 13 23.87 14.56 35.88
CA LYS C 13 23.73 15.05 37.24
C LYS C 13 22.40 15.77 37.43
N ASP C 14 21.69 16.00 36.33
CA ASP C 14 20.35 16.56 36.33
C ASP C 14 19.27 15.49 36.43
N VAL C 15 19.66 14.24 36.68
CA VAL C 15 18.77 13.09 36.51
C VAL C 15 17.47 13.34 37.24
N LEU C 16 16.36 13.19 36.52
CA LEU C 16 15.04 13.27 37.13
C LEU C 16 14.64 11.97 37.80
N GLY C 17 15.06 10.84 37.22
CA GLY C 17 14.74 9.55 37.80
C GLY C 17 15.42 8.45 37.01
N HIS C 18 15.47 7.27 37.64
CA HIS C 18 15.99 6.06 37.01
C HIS C 18 14.82 5.18 36.57
N GLY C 19 14.94 4.62 35.38
CA GLY C 19 13.88 3.83 34.79
C GLY C 19 14.10 2.34 34.93
N ALA C 20 13.61 1.59 33.95
CA ALA C 20 13.80 0.15 33.88
C ALA C 20 14.82 -0.18 32.80
N GLU C 21 15.60 -1.22 33.04
CA GLU C 21 16.60 -1.69 32.08
C GLU C 21 17.64 -0.61 31.78
N GLY C 22 18.11 0.06 32.83
CA GLY C 22 19.12 1.07 32.68
C GLY C 22 18.64 2.39 32.11
N THR C 23 17.34 2.54 31.91
CA THR C 23 16.78 3.79 31.41
C THR C 23 16.98 4.91 32.42
N ILE C 24 17.56 6.02 31.97
CA ILE C 24 17.79 7.20 32.80
C ILE C 24 17.15 8.39 32.11
N VAL C 25 16.53 9.26 32.91
CA VAL C 25 15.83 10.45 32.41
C VAL C 25 16.49 11.68 33.01
N TYR C 26 16.84 12.65 32.16
CA TYR C 26 17.51 13.87 32.55
C TYR C 26 16.68 15.09 32.15
N ARG C 27 16.94 16.21 32.79
CA ARG C 27 16.37 17.50 32.43
C ARG C 27 17.22 18.16 31.34
N GLY C 28 16.59 18.56 30.24
CA GLY C 28 17.31 19.04 29.08
C GLY C 28 16.45 19.96 28.22
N MET C 29 17.00 20.30 27.04
CA MET C 29 16.37 21.22 26.11
C MET C 29 16.37 20.63 24.70
N PHE C 30 15.19 20.56 24.08
CA PHE C 30 15.15 20.15 22.67
C PHE C 30 15.55 21.33 21.78
N ASP C 31 14.71 22.36 21.70
CA ASP C 31 15.09 23.67 21.17
C ASP C 31 14.78 24.68 22.27
N ASN C 32 15.81 25.11 23.00
CA ASN C 32 15.73 26.24 23.93
C ASN C 32 14.57 26.15 24.91
N ARG C 33 13.95 24.97 25.03
CA ARG C 33 12.73 24.79 25.79
C ARG C 33 12.97 23.64 26.76
N ASP C 34 12.64 23.84 28.02
CA ASP C 34 12.87 22.81 29.02
C ASP C 34 12.05 21.57 28.71
N VAL C 35 12.73 20.43 28.62
CA VAL C 35 12.11 19.13 28.35
C VAL C 35 12.74 18.11 29.28
N ALA C 36 12.12 16.93 29.33
CA ALA C 36 12.69 15.77 30.02
C ALA C 36 13.27 14.85 28.95
N VAL C 37 14.55 14.53 29.08
CA VAL C 37 15.28 13.71 28.11
C VAL C 37 15.46 12.33 28.72
N LYS C 38 14.91 11.32 28.05
CA LYS C 38 14.99 9.93 28.49
C LYS C 38 15.99 9.19 27.60
N ARG C 39 16.98 8.57 28.23
CA ARG C 39 18.00 7.79 27.52
C ARG C 39 17.72 6.31 27.72
N ILE C 40 17.55 5.58 26.62
CA ILE C 40 17.24 4.15 26.66
C ILE C 40 18.30 3.39 25.89
N LEU C 41 18.45 2.12 26.24
CA LEU C 41 19.37 1.23 25.56
C LEU C 41 18.65 0.55 24.41
N PRO C 42 19.13 0.68 23.16
CA PRO C 42 18.42 0.06 22.04
C PRO C 42 18.32 -1.46 22.17
N GLU C 43 19.17 -2.08 22.98
CA GLU C 43 19.08 -3.52 23.21
C GLU C 43 17.86 -3.88 24.06
N CYS C 44 17.42 -2.96 24.92
CA CYS C 44 16.32 -3.21 25.85
C CYS C 44 14.98 -2.74 25.28
N PHE C 45 14.82 -1.45 25.08
CA PHE C 45 13.56 -0.87 24.61
C PHE C 45 13.63 -0.50 23.14
N SER C 46 12.53 -0.73 22.43
CA SER C 46 12.36 -0.33 21.03
C SER C 46 11.29 0.76 20.97
N PHE C 47 11.64 1.88 20.35
CA PHE C 47 10.74 3.01 20.22
C PHE C 47 9.88 2.82 18.97
N ALA C 48 8.57 2.97 19.12
CA ALA C 48 7.63 2.76 18.02
C ALA C 48 7.36 4.10 17.33
N ASP C 49 7.89 4.26 16.12
CA ASP C 49 7.73 5.52 15.39
C ASP C 49 6.37 5.65 14.74
N ARG C 50 5.82 4.53 14.25
CA ARG C 50 4.54 4.59 13.56
C ARG C 50 3.41 4.96 14.51
N GLU C 51 3.44 4.44 15.74
CA GLU C 51 2.42 4.78 16.71
C GLU C 51 2.53 6.24 17.13
N VAL C 52 3.75 6.72 17.34
CA VAL C 52 3.94 8.10 17.75
C VAL C 52 3.63 9.07 16.61
N GLN C 53 4.01 8.71 15.39
CA GLN C 53 3.73 9.57 14.25
C GLN C 53 2.23 9.70 14.00
N LEU C 54 1.51 8.57 14.04
CA LEU C 54 0.07 8.60 13.85
C LEU C 54 -0.60 9.52 14.86
N LEU C 55 -0.05 9.60 16.08
CA LEU C 55 -0.57 10.52 17.08
C LEU C 55 -0.27 11.98 16.72
N ARG C 56 0.91 12.24 16.15
CA ARG C 56 1.30 13.61 15.85
C ARG C 56 0.44 14.23 14.75
N GLU C 57 -0.08 13.41 13.84
CA GLU C 57 -0.86 13.91 12.72
C GLU C 57 -2.30 14.21 13.09
N SER C 58 -2.69 14.01 14.35
CA SER C 58 -4.06 14.22 14.80
C SER C 58 -4.12 15.42 15.74
N ASP C 59 -5.34 15.72 16.20
CA ASP C 59 -5.56 16.80 17.14
C ASP C 59 -4.87 16.50 18.47
N GLU C 60 -4.12 17.48 18.97
CA GLU C 60 -3.39 17.28 20.21
C GLU C 60 -4.37 17.19 21.38
N HIS C 61 -4.24 16.11 22.16
CA HIS C 61 -5.06 15.91 23.36
C HIS C 61 -4.34 16.50 24.57
N PRO C 62 -5.03 17.25 25.44
CA PRO C 62 -4.32 17.89 26.54
C PRO C 62 -3.72 16.91 27.53
N ASN C 63 -4.35 15.74 27.69
CA ASN C 63 -3.95 14.74 28.67
C ASN C 63 -3.03 13.66 28.10
N VAL C 64 -2.57 13.81 26.86
CA VAL C 64 -1.51 12.96 26.32
C VAL C 64 -0.26 13.81 26.13
N ILE C 65 0.89 13.28 26.56
CA ILE C 65 2.14 14.01 26.52
C ILE C 65 2.69 14.04 25.10
N ARG C 66 3.47 15.07 24.78
CA ARG C 66 4.07 15.22 23.46
C ARG C 66 5.49 14.67 23.45
N TYR C 67 5.81 13.89 22.40
CA TYR C 67 7.18 13.46 22.13
C TYR C 67 7.76 14.37 21.05
N PHE C 68 8.75 15.20 21.41
CA PHE C 68 9.28 16.17 20.46
C PHE C 68 10.20 15.52 19.42
N CYS C 69 11.34 14.99 19.86
CA CYS C 69 12.35 14.49 18.93
C CYS C 69 13.08 13.31 19.55
N THR C 70 13.65 12.47 18.69
CA THR C 70 14.44 11.32 19.09
C THR C 70 15.73 11.31 18.28
N GLU C 71 16.86 11.23 18.97
CA GLU C 71 18.18 11.20 18.34
C GLU C 71 18.94 9.97 18.81
N LYS C 72 19.75 9.40 17.92
CA LYS C 72 20.50 8.18 18.21
C LYS C 72 21.99 8.44 18.05
N ASP C 73 22.77 7.96 19.02
CA ASP C 73 24.22 7.88 18.92
C ASP C 73 24.65 6.40 18.95
N ARG C 74 25.96 6.16 18.98
CA ARG C 74 26.47 4.79 18.89
C ARG C 74 25.94 3.92 20.01
N GLN C 75 26.06 4.40 21.25
CA GLN C 75 25.72 3.61 22.43
C GLN C 75 24.24 3.60 22.77
N PHE C 76 23.54 4.73 22.59
CA PHE C 76 22.21 4.96 23.14
C PHE C 76 21.22 5.39 22.07
N GLN C 77 19.98 5.59 22.52
CA GLN C 77 18.90 6.21 21.77
C GLN C 77 18.25 7.23 22.70
N TYR C 78 18.16 8.48 22.27
CA TYR C 78 17.68 9.57 23.09
C TYR C 78 16.30 10.01 22.63
N ILE C 79 15.41 10.27 23.60
CA ILE C 79 14.05 10.74 23.35
C ILE C 79 13.73 11.86 24.33
N ALA C 80 13.10 12.93 23.82
CA ALA C 80 12.75 14.12 24.59
C ALA C 80 11.23 14.20 24.77
N ILE C 81 10.79 14.44 26.01
CA ILE C 81 9.37 14.51 26.33
C ILE C 81 9.09 15.75 27.16
N GLU C 82 7.83 16.15 27.17
CA GLU C 82 7.38 17.34 27.89
C GLU C 82 7.76 17.25 29.36
N LEU C 83 8.47 18.27 29.86
CA LEU C 83 8.90 18.27 31.25
C LEU C 83 7.71 18.40 32.19
N CYS C 84 7.65 17.51 33.18
CA CYS C 84 6.57 17.44 34.14
C CYS C 84 7.11 17.61 35.55
N ALA C 85 6.22 17.97 36.47
CA ALA C 85 6.62 18.23 37.85
C ALA C 85 6.87 16.94 38.61
N ALA C 86 5.96 15.97 38.51
CA ALA C 86 6.04 14.74 39.27
C ALA C 86 5.18 13.68 38.59
N THR C 87 5.09 12.51 39.24
CA THR C 87 4.24 11.42 38.78
C THR C 87 2.99 11.34 39.64
N LEU C 88 2.11 10.41 39.30
CA LEU C 88 0.89 10.22 40.07
C LEU C 88 1.17 9.71 41.47
N GLN C 89 2.28 8.98 41.66
CA GLN C 89 2.57 8.45 42.98
C GLN C 89 2.78 9.57 43.99
N GLU C 90 3.55 10.59 43.62
CA GLU C 90 3.76 11.73 44.50
C GLU C 90 2.42 12.36 44.87
N TYR C 91 1.53 12.49 43.89
CA TYR C 91 0.21 13.06 44.14
C TYR C 91 -0.54 12.24 45.18
N VAL C 92 -0.54 10.91 45.02
CA VAL C 92 -1.32 10.05 45.90
C VAL C 92 -0.68 9.94 47.28
N GLU C 93 0.64 9.78 47.33
CA GLU C 93 1.33 9.55 48.59
C GLU C 93 1.60 10.85 49.37
N GLN C 94 1.58 12.00 48.72
CA GLN C 94 1.92 13.28 49.34
C GLN C 94 3.40 13.36 49.64
N HIS C 99 0.14 20.57 44.72
CA HIS C 99 -0.92 19.70 45.22
C HIS C 99 -2.30 20.22 44.81
N LEU C 100 -2.57 21.47 45.17
CA LEU C 100 -3.88 22.07 44.97
C LEU C 100 -4.17 22.31 43.49
N GLY C 101 -5.45 22.54 43.20
CA GLY C 101 -5.92 22.89 41.88
C GLY C 101 -6.35 21.74 41.00
N LEU C 102 -6.15 20.49 41.43
CA LEU C 102 -6.60 19.33 40.67
C LEU C 102 -7.30 18.35 41.60
N GLU C 103 -8.57 18.02 41.28
CA GLU C 103 -9.35 17.10 42.08
C GLU C 103 -9.06 15.66 41.66
N PRO C 104 -9.11 14.70 42.60
CA PRO C 104 -8.73 13.32 42.24
C PRO C 104 -9.62 12.71 41.17
N ILE C 105 -10.92 12.93 41.22
CA ILE C 105 -11.81 12.33 40.24
C ILE C 105 -11.57 12.95 38.87
N THR C 106 -11.40 14.27 38.81
CA THR C 106 -11.12 14.93 37.54
C THR C 106 -9.76 14.52 37.01
N LEU C 107 -8.84 14.14 37.91
CA LEU C 107 -7.56 13.58 37.47
C LEU C 107 -7.78 12.24 36.76
N LEU C 108 -8.56 11.35 37.37
CA LEU C 108 -8.90 10.10 36.71
C LEU C 108 -9.59 10.36 35.38
N GLN C 109 -10.42 11.42 35.32
CA GLN C 109 -11.08 11.77 34.07
C GLN C 109 -10.07 12.23 33.01
N GLN C 110 -9.15 13.11 33.40
CA GLN C 110 -8.09 13.52 32.47
C GLN C 110 -7.31 12.31 31.98
N THR C 111 -6.94 11.42 32.89
CA THR C 111 -6.21 10.22 32.50
C THR C 111 -7.02 9.36 31.53
N THR C 112 -8.26 9.05 31.91
CA THR C 112 -9.10 8.20 31.07
C THR C 112 -9.38 8.86 29.72
N SER C 113 -9.46 10.19 29.69
CA SER C 113 -9.73 10.89 28.44
C SER C 113 -8.58 10.73 27.46
N GLY C 114 -7.35 10.98 27.92
CA GLY C 114 -6.19 10.77 27.08
C GLY C 114 -6.03 9.32 26.64
N LEU C 115 -6.50 8.38 27.47
CA LEU C 115 -6.45 6.98 27.08
C LEU C 115 -7.51 6.65 26.05
N ALA C 116 -8.69 7.28 26.12
CA ALA C 116 -9.69 7.10 25.09
C ALA C 116 -9.21 7.66 23.75
N HIS C 117 -8.37 8.70 23.79
CA HIS C 117 -7.86 9.28 22.55
C HIS C 117 -6.85 8.36 21.86
N LEU C 118 -6.02 7.66 22.65
CA LEU C 118 -5.10 6.70 22.05
C LEU C 118 -5.85 5.53 21.44
N HIS C 119 -6.80 4.96 22.18
CA HIS C 119 -7.58 3.83 21.66
C HIS C 119 -8.31 4.20 20.38
N SER C 120 -8.66 5.48 20.22
CA SER C 120 -9.31 5.91 18.99
C SER C 120 -8.41 5.73 17.79
N LEU C 121 -7.10 5.84 17.98
CA LEU C 121 -6.12 5.66 16.91
C LEU C 121 -5.58 4.24 16.87
N ASN C 122 -6.17 3.32 17.64
CA ASN C 122 -5.72 1.94 17.73
C ASN C 122 -4.34 1.84 18.37
N ILE C 123 -4.05 2.75 19.30
CA ILE C 123 -2.80 2.75 20.04
C ILE C 123 -3.09 2.17 21.42
N VAL C 124 -2.38 1.11 21.78
CA VAL C 124 -2.45 0.50 23.10
C VAL C 124 -1.24 0.96 23.89
N HIS C 125 -1.48 1.47 25.09
CA HIS C 125 -0.38 1.99 25.90
C HIS C 125 0.58 0.86 26.29
N ARG C 126 0.02 -0.26 26.77
CA ARG C 126 0.72 -1.51 27.06
C ARG C 126 1.56 -1.43 28.33
N ASP C 127 1.91 -0.23 28.77
CA ASP C 127 2.52 -0.01 30.09
C ASP C 127 1.83 1.23 30.66
N LEU C 128 0.98 1.03 31.65
CA LEU C 128 0.27 2.13 32.30
C LEU C 128 0.36 1.93 33.79
N LYS C 129 0.77 2.96 34.50
CA LYS C 129 1.04 2.84 35.91
C LYS C 129 1.19 4.24 36.49
N PRO C 130 1.19 4.38 37.81
CA PRO C 130 1.28 5.72 38.39
C PRO C 130 2.51 6.46 37.93
N HIS C 131 3.62 5.75 37.77
CA HIS C 131 4.86 6.41 37.35
C HIS C 131 4.76 6.89 35.91
N ASN C 132 3.92 6.25 35.10
CA ASN C 132 3.74 6.69 33.72
C ASN C 132 2.73 7.82 33.57
N ILE C 133 1.91 8.07 34.59
CA ILE C 133 1.04 9.24 34.64
C ILE C 133 1.83 10.40 35.27
N LEU C 134 1.96 11.49 34.52
CA LEU C 134 2.79 12.62 34.89
C LEU C 134 1.92 13.84 35.18
N ILE C 135 2.38 14.64 36.13
CA ILE C 135 1.71 15.88 36.53
C ILE C 135 2.43 17.05 35.86
N SER C 136 1.70 17.82 35.07
CA SER C 136 2.28 18.92 34.32
C SER C 136 2.68 20.05 35.26
N MET C 137 3.60 20.88 34.79
CA MET C 137 3.93 22.08 35.53
C MET C 137 2.80 23.11 35.36
N PRO C 138 2.55 23.94 36.38
CA PRO C 138 1.37 24.81 36.34
C PRO C 138 1.33 25.73 35.13
N ASN C 139 0.14 25.87 34.56
CA ASN C 139 -0.11 26.67 33.36
C ASN C 139 -0.82 27.95 33.76
N ALA C 140 -0.22 29.09 33.41
CA ALA C 140 -0.85 30.40 33.62
C ALA C 140 -1.24 30.61 35.08
N HIS C 141 -2.56 30.68 35.36
CA HIS C 141 -3.04 30.91 36.72
C HIS C 141 -2.49 29.90 37.72
N GLY C 142 -1.97 28.76 37.25
CA GLY C 142 -1.36 27.76 38.09
C GLY C 142 -2.17 26.50 38.30
N LYS C 143 -3.31 26.36 37.64
CA LYS C 143 -4.01 25.08 37.62
C LYS C 143 -3.16 24.07 36.86
N ILE C 144 -3.27 22.80 37.25
CA ILE C 144 -2.43 21.74 36.69
C ILE C 144 -3.32 20.63 36.14
N LYS C 145 -2.80 19.95 35.11
CA LYS C 145 -3.45 18.81 34.47
C LYS C 145 -2.57 17.59 34.64
N ALA C 146 -3.01 16.46 34.08
CA ALA C 146 -2.25 15.22 34.03
C ALA C 146 -2.09 14.75 32.59
N MET C 147 -0.98 14.06 32.32
CA MET C 147 -0.72 13.54 30.99
C MET C 147 -0.16 12.13 31.09
N ILE C 148 -0.78 11.21 30.34
CA ILE C 148 -0.23 9.87 30.23
C ILE C 148 1.04 9.94 29.38
N SER C 149 2.02 9.11 29.70
CA SER C 149 3.34 9.13 29.07
C SER C 149 3.84 7.70 28.91
N ASP C 150 4.95 7.58 28.16
CA ASP C 150 5.66 6.32 27.92
C ASP C 150 4.99 5.38 26.93
N PHE C 151 3.91 5.79 26.27
CA PHE C 151 3.32 4.98 25.23
C PHE C 151 4.26 4.84 24.04
N GLY C 152 4.04 3.78 23.27
CA GLY C 152 4.85 3.50 22.09
C GLY C 152 6.25 3.00 22.39
N LEU C 153 6.40 2.19 23.44
CA LEU C 153 7.68 1.61 23.82
C LEU C 153 7.52 0.11 24.01
N CYS C 154 8.29 -0.67 23.26
CA CYS C 154 8.26 -2.12 23.33
C CYS C 154 9.55 -2.62 23.94
N LYS C 155 9.44 -3.48 24.94
CA LYS C 155 10.60 -4.04 25.62
C LYS C 155 11.04 -5.31 24.89
N LYS C 156 12.26 -5.28 24.36
CA LYS C 156 12.80 -6.40 23.59
C LYS C 156 13.18 -7.56 24.50
N LEU C 157 13.26 -8.76 23.90
CA LEU C 157 13.66 -9.97 24.61
C LEU C 157 15.18 -10.10 24.63
N VAL C 170 7.98 -9.07 27.36
CA VAL C 170 6.57 -8.75 27.62
C VAL C 170 6.41 -7.28 28.04
N PRO C 171 5.42 -6.58 27.49
CA PRO C 171 5.24 -5.17 27.84
C PRO C 171 4.74 -4.99 29.26
N GLY C 172 4.98 -3.79 29.79
CA GLY C 172 4.39 -3.37 31.05
C GLY C 172 5.34 -3.55 32.22
N THR C 173 4.87 -3.07 33.36
CA THR C 173 5.58 -3.12 34.63
C THR C 173 4.86 -4.08 35.57
N GLU C 174 5.61 -4.95 36.22
CA GLU C 174 5.00 -5.98 37.07
C GLU C 174 4.11 -5.38 38.13
N GLY C 175 2.91 -5.95 38.25
CA GLY C 175 1.88 -5.53 39.18
C GLY C 175 0.75 -4.75 38.53
N TRP C 176 1.01 -4.12 37.39
CA TRP C 176 -0.02 -3.46 36.60
C TRP C 176 -0.42 -4.23 35.35
N ILE C 177 0.15 -5.41 35.12
CA ILE C 177 -0.02 -6.13 33.86
C ILE C 177 -1.27 -7.00 33.90
N ALA C 178 -2.11 -6.88 32.89
CA ALA C 178 -3.34 -7.65 32.80
C ALA C 178 -3.03 -9.15 32.73
N PRO C 179 -3.95 -10.01 33.19
CA PRO C 179 -3.61 -11.44 33.28
C PRO C 179 -3.34 -12.11 31.96
N GLU C 180 -4.10 -11.76 30.92
CA GLU C 180 -3.98 -12.48 29.65
C GLU C 180 -2.66 -12.19 28.95
N MET C 181 -2.10 -10.99 29.14
CA MET C 181 -0.86 -10.62 28.48
C MET C 181 0.34 -11.42 29.00
N LEU C 182 0.32 -11.79 30.27
CA LEU C 182 1.43 -12.55 30.84
C LEU C 182 1.38 -14.02 30.45
N SER C 183 0.23 -14.51 30.01
CA SER C 183 0.11 -15.90 29.60
C SER C 183 0.87 -16.18 28.31
N ASN C 189 -4.08 -8.26 21.13
CA ASN C 189 -2.84 -9.01 21.32
C ASN C 189 -1.61 -8.13 21.17
N PRO C 190 -1.49 -7.07 21.99
CA PRO C 190 -2.44 -6.54 22.98
C PRO C 190 -3.57 -5.68 22.39
N THR C 191 -4.76 -5.74 22.99
CA THR C 191 -5.89 -4.91 22.60
C THR C 191 -6.03 -3.75 23.59
N TYR C 192 -7.06 -2.94 23.39
CA TYR C 192 -7.27 -1.79 24.26
C TYR C 192 -7.60 -2.18 25.69
N THR C 193 -8.13 -3.40 25.91
CA THR C 193 -8.54 -3.82 27.24
C THR C 193 -7.35 -4.04 28.16
N VAL C 194 -6.14 -4.17 27.61
CA VAL C 194 -4.94 -4.21 28.43
C VAL C 194 -4.83 -2.94 29.25
N ASP C 195 -5.12 -1.79 28.65
CA ASP C 195 -4.98 -0.52 29.33
C ASP C 195 -6.09 -0.31 30.36
N ILE C 196 -7.31 -0.79 30.07
CA ILE C 196 -8.42 -0.61 31.01
C ILE C 196 -8.18 -1.38 32.29
N PHE C 197 -7.50 -2.54 32.21
CA PHE C 197 -7.14 -3.26 33.42
C PHE C 197 -6.22 -2.43 34.29
N SER C 198 -5.11 -1.96 33.72
CA SER C 198 -4.19 -1.10 34.46
C SER C 198 -4.90 0.14 34.97
N ALA C 199 -5.79 0.71 34.16
CA ALA C 199 -6.54 1.87 34.60
C ALA C 199 -7.34 1.55 35.86
N GLY C 200 -7.96 0.38 35.92
CA GLY C 200 -8.72 0.01 37.10
C GLY C 200 -7.87 -0.06 38.35
N CYS C 201 -6.63 -0.55 38.21
CA CYS C 201 -5.70 -0.53 39.34
C CYS C 201 -5.34 0.89 39.71
N VAL C 202 -5.12 1.74 38.70
CA VAL C 202 -4.82 3.14 38.97
C VAL C 202 -6.02 3.82 39.62
N PHE C 203 -7.23 3.49 39.17
CA PHE C 203 -8.44 4.06 39.76
C PHE C 203 -8.52 3.75 41.25
N TYR C 204 -8.39 2.47 41.61
CA TYR C 204 -8.40 2.10 43.01
C TYR C 204 -7.20 2.69 43.74
N TYR C 205 -6.07 2.84 43.05
CA TYR C 205 -4.88 3.40 43.66
C TYR C 205 -5.08 4.85 44.09
N VAL C 206 -5.74 5.66 43.25
CA VAL C 206 -5.95 7.05 43.60
C VAL C 206 -6.96 7.15 44.75
N ILE C 207 -8.10 6.48 44.61
CA ILE C 207 -9.10 6.50 45.68
C ILE C 207 -8.52 5.94 46.97
N SER C 208 -7.83 4.80 46.89
CA SER C 208 -7.32 4.12 48.08
C SER C 208 -6.16 4.86 48.74
N GLU C 209 -5.61 5.90 48.12
CA GLU C 209 -4.47 6.63 48.67
C GLU C 209 -3.28 5.70 48.91
N GLY C 210 -2.87 5.00 47.84
CA GLY C 210 -1.71 4.13 47.87
C GLY C 210 -2.02 2.65 47.81
N SER C 211 -3.27 2.25 48.11
CA SER C 211 -3.64 0.84 48.10
C SER C 211 -3.80 0.33 46.67
N HIS C 212 -3.74 -0.99 46.53
CA HIS C 212 -3.85 -1.66 45.24
C HIS C 212 -4.94 -2.72 45.31
N PRO C 213 -5.63 -3.00 44.19
CA PRO C 213 -6.66 -4.06 44.24
C PRO C 213 -6.11 -5.36 44.76
N PHE C 214 -4.85 -5.65 44.43
CA PHE C 214 -4.12 -6.78 44.99
C PHE C 214 -3.16 -6.23 46.03
N GLY C 215 -3.34 -6.66 47.28
CA GLY C 215 -2.92 -5.90 48.43
C GLY C 215 -1.46 -5.62 48.69
N LYS C 216 -0.55 -6.22 47.93
CA LYS C 216 0.87 -6.13 48.26
C LYS C 216 1.69 -5.67 47.06
N SER C 217 2.87 -5.13 47.37
CA SER C 217 3.81 -4.74 46.32
C SER C 217 4.35 -5.95 45.58
N LEU C 218 4.74 -7.01 46.30
CA LEU C 218 5.36 -8.19 45.70
C LEU C 218 4.36 -9.19 45.12
N GLN C 219 3.25 -9.48 45.79
CA GLN C 219 2.34 -10.53 45.32
C GLN C 219 1.23 -10.00 44.43
N ARG C 220 1.26 -8.72 44.09
CA ARG C 220 0.20 -8.20 43.24
C ARG C 220 0.20 -8.89 41.88
N GLN C 221 1.37 -9.08 41.28
CA GLN C 221 1.37 -9.70 39.95
C GLN C 221 0.87 -11.14 40.01
N ALA C 222 1.31 -11.92 41.01
CA ALA C 222 0.80 -13.28 41.16
C ALA C 222 -0.69 -13.28 41.39
N ASN C 223 -1.17 -12.30 42.16
CA ASN C 223 -2.59 -12.21 42.45
C ASN C 223 -3.41 -11.92 41.21
N ILE C 224 -2.89 -11.08 40.31
CA ILE C 224 -3.57 -10.81 39.05
C ILE C 224 -3.79 -12.12 38.29
N LEU C 225 -2.77 -12.97 38.26
CA LEU C 225 -2.87 -14.21 37.50
C LEU C 225 -3.95 -15.10 38.07
N LEU C 226 -4.01 -15.23 39.40
CA LEU C 226 -4.99 -16.11 39.99
C LEU C 226 -6.27 -15.38 40.44
N GLY C 227 -6.42 -14.08 40.16
CA GLY C 227 -7.61 -13.34 40.54
C GLY C 227 -7.87 -13.24 42.03
N ALA C 228 -6.89 -12.71 42.75
CA ALA C 228 -6.93 -12.53 44.19
C ALA C 228 -7.42 -11.13 44.59
N CYS C 229 -7.96 -10.36 43.64
CA CYS C 229 -8.32 -8.97 43.91
C CYS C 229 -9.13 -8.85 45.18
N SER C 230 -8.84 -7.83 45.98
CA SER C 230 -9.57 -7.53 47.19
C SER C 230 -9.71 -6.01 47.29
N LEU C 231 -10.94 -5.53 47.35
CA LEU C 231 -11.18 -4.10 47.52
C LEU C 231 -11.82 -3.96 48.89
N ASP C 232 -10.99 -3.67 49.89
CA ASP C 232 -11.44 -3.38 51.24
C ASP C 232 -11.69 -1.89 51.44
N CYS C 233 -10.84 -1.06 50.86
CA CYS C 233 -10.87 0.37 51.12
C CYS C 233 -12.17 1.03 50.68
N LEU C 234 -12.96 0.37 49.83
CA LEU C 234 -14.27 0.88 49.45
C LEU C 234 -15.28 0.30 50.42
N HIS C 235 -15.85 1.15 51.25
CA HIS C 235 -16.77 0.68 52.27
C HIS C 235 -18.08 0.26 51.60
N PRO C 236 -18.68 -0.86 52.01
CA PRO C 236 -19.96 -1.26 51.40
C PRO C 236 -21.10 -0.32 51.77
N GLU C 237 -20.97 0.44 52.86
CA GLU C 237 -22.02 1.33 53.33
C GLU C 237 -21.83 2.77 52.87
N LYS C 238 -20.82 3.07 52.04
CA LYS C 238 -20.57 4.41 51.54
C LYS C 238 -20.94 4.48 50.06
N HIS C 239 -21.85 5.39 49.72
CA HIS C 239 -22.32 5.51 48.34
C HIS C 239 -21.16 5.75 47.38
N GLU C 240 -20.33 6.76 47.68
CA GLU C 240 -19.21 7.09 46.81
C GLU C 240 -18.32 5.87 46.58
N ASP C 241 -18.11 5.08 47.63
CA ASP C 241 -17.25 3.91 47.51
C ASP C 241 -17.95 2.77 46.79
N VAL C 242 -19.28 2.68 46.90
CA VAL C 242 -20.01 1.64 46.16
C VAL C 242 -19.98 1.95 44.67
N ILE C 243 -20.11 3.23 44.30
CA ILE C 243 -20.05 3.61 42.89
C ILE C 243 -18.68 3.24 42.32
N ALA C 244 -17.61 3.61 43.01
CA ALA C 244 -16.27 3.32 42.53
C ALA C 244 -16.03 1.82 42.44
N ARG C 245 -16.51 1.06 43.42
CA ARG C 245 -16.32 -0.38 43.42
C ARG C 245 -16.93 -1.01 42.16
N GLU C 246 -18.17 -0.65 41.84
CA GLU C 246 -18.83 -1.18 40.66
C GLU C 246 -18.04 -0.91 39.38
N LEU C 247 -17.50 0.31 39.25
CA LEU C 247 -16.72 0.62 38.06
C LEU C 247 -15.40 -0.12 38.06
N ILE C 248 -14.70 -0.11 39.20
CA ILE C 248 -13.37 -0.69 39.27
C ILE C 248 -13.42 -2.19 39.00
N GLU C 249 -14.39 -2.89 39.59
CA GLU C 249 -14.41 -4.34 39.49
C GLU C 249 -14.63 -4.81 38.05
N LYS C 250 -15.37 -4.03 37.25
CA LYS C 250 -15.52 -4.38 35.84
C LYS C 250 -14.23 -4.13 35.06
N MET C 251 -13.49 -3.08 35.42
CA MET C 251 -12.27 -2.76 34.69
C MET C 251 -11.20 -3.82 34.91
N ILE C 252 -11.11 -4.37 36.12
CA ILE C 252 -10.06 -5.33 36.47
C ILE C 252 -10.54 -6.77 36.26
N ALA C 253 -11.72 -6.93 35.65
CA ALA C 253 -12.31 -8.25 35.45
C ALA C 253 -11.34 -9.22 34.78
N MET C 254 -11.39 -10.48 35.23
CA MET C 254 -10.53 -11.50 34.65
C MET C 254 -10.79 -11.67 33.17
N ASP C 255 -12.05 -11.54 32.76
CA ASP C 255 -12.44 -11.62 31.37
C ASP C 255 -12.29 -10.26 30.70
N PRO C 256 -11.35 -10.09 29.78
CA PRO C 256 -11.17 -8.77 29.17
C PRO C 256 -12.38 -8.30 28.38
N GLN C 257 -13.23 -9.21 27.91
CA GLN C 257 -14.41 -8.82 27.16
C GLN C 257 -15.46 -8.14 28.03
N LYS C 258 -15.37 -8.28 29.36
CA LYS C 258 -16.27 -7.61 30.28
C LYS C 258 -15.75 -6.25 30.74
N ARG C 259 -14.57 -5.84 30.28
CA ARG C 259 -14.02 -4.56 30.68
C ARG C 259 -14.61 -3.48 29.77
N PRO C 260 -15.14 -2.39 30.32
CA PRO C 260 -15.69 -1.34 29.48
C PRO C 260 -14.59 -0.59 28.75
N SER C 261 -14.95 0.01 27.63
CA SER C 261 -13.98 0.79 26.89
C SER C 261 -13.69 2.09 27.64
N ALA C 262 -12.76 2.88 27.12
CA ALA C 262 -12.42 4.13 27.79
C ALA C 262 -13.60 5.09 27.77
N LYS C 263 -14.33 5.14 26.66
CA LYS C 263 -15.48 6.04 26.55
C LYS C 263 -16.64 5.55 27.40
N HIS C 264 -16.77 4.24 27.60
CA HIS C 264 -17.73 3.72 28.57
C HIS C 264 -17.40 4.21 29.97
N VAL C 265 -16.12 4.15 30.36
CA VAL C 265 -15.74 4.53 31.71
C VAL C 265 -16.11 5.98 31.99
N LEU C 266 -15.90 6.86 31.00
CA LEU C 266 -16.19 8.28 31.21
C LEU C 266 -17.68 8.55 31.38
N LYS C 267 -18.54 7.65 30.91
CA LYS C 267 -19.98 7.77 31.09
C LYS C 267 -20.46 7.18 32.40
N HIS C 268 -19.57 6.61 33.21
CA HIS C 268 -20.00 5.92 34.42
C HIS C 268 -20.47 6.92 35.49
N PRO C 269 -21.42 6.52 36.34
CA PRO C 269 -21.84 7.41 37.44
C PRO C 269 -20.72 7.83 38.39
N PHE C 270 -19.58 7.14 38.34
CA PHE C 270 -18.45 7.54 39.19
C PHE C 270 -18.01 8.96 38.87
N PHE C 271 -18.24 9.42 37.65
CA PHE C 271 -17.85 10.75 37.22
C PHE C 271 -18.98 11.77 37.28
N TRP C 272 -20.20 11.37 37.64
CA TRP C 272 -21.32 12.31 37.61
C TRP C 272 -21.21 13.30 38.76
N SER C 273 -21.70 14.52 38.52
CA SER C 273 -21.84 15.49 39.59
C SER C 273 -23.01 15.11 40.48
N LEU C 274 -23.22 15.89 41.54
CA LEU C 274 -24.29 15.59 42.47
C LEU C 274 -25.65 15.88 41.83
N GLU C 275 -25.78 17.02 41.15
CA GLU C 275 -27.03 17.32 40.47
C GLU C 275 -27.27 16.37 39.31
N LYS C 276 -26.20 15.90 38.65
CA LYS C 276 -26.39 14.92 37.59
C LYS C 276 -26.86 13.58 38.15
N GLN C 277 -26.32 13.19 39.30
CA GLN C 277 -26.83 12.02 39.99
C GLN C 277 -28.33 12.18 40.25
N LEU C 278 -28.71 13.33 40.81
CA LEU C 278 -30.11 13.61 41.06
C LEU C 278 -30.91 13.67 39.76
N GLN C 279 -30.30 14.17 38.69
CA GLN C 279 -30.98 14.23 37.41
C GLN C 279 -31.26 12.84 36.86
N PHE C 280 -30.37 11.88 37.13
CA PHE C 280 -30.62 10.51 36.69
C PHE C 280 -31.81 9.90 37.43
N PHE C 281 -31.87 10.07 38.74
CA PHE C 281 -32.97 9.51 39.52
C PHE C 281 -34.31 10.01 39.02
N GLN C 282 -34.42 11.29 38.68
CA GLN C 282 -35.68 11.85 38.23
C GLN C 282 -36.07 11.29 36.86
N ASP C 283 -35.14 11.33 35.89
CA ASP C 283 -35.45 10.83 34.56
C ASP C 283 -35.85 9.36 34.59
N VAL C 284 -35.29 8.57 35.51
CA VAL C 284 -35.69 7.18 35.64
C VAL C 284 -37.09 7.10 36.23
N SER C 285 -37.33 7.81 37.34
CA SER C 285 -38.62 7.78 38.01
C SER C 285 -39.74 8.17 37.05
N ASP C 286 -39.52 9.24 36.27
CA ASP C 286 -40.51 9.65 35.28
C ASP C 286 -40.74 8.54 34.26
N ARG C 287 -39.70 7.77 33.95
CA ARG C 287 -39.80 6.69 32.97
C ARG C 287 -40.70 5.56 33.45
N ILE C 288 -40.83 5.36 34.77
CA ILE C 288 -41.48 4.14 35.25
C ILE C 288 -42.99 4.22 35.11
N GLU C 289 -43.56 5.43 35.03
CA GLU C 289 -45.01 5.55 34.82
C GLU C 289 -45.30 5.74 33.32
N LYS C 290 -45.99 4.83 32.64
CA LYS C 290 -46.64 3.64 33.18
C LYS C 290 -45.96 2.38 32.65
N GLU C 291 -45.60 1.49 33.56
CA GLU C 291 -45.04 0.19 33.24
C GLU C 291 -45.73 -0.82 34.15
N SER C 292 -46.28 -1.88 33.55
CA SER C 292 -47.11 -2.80 34.31
C SER C 292 -46.32 -3.51 35.39
N LEU C 293 -45.15 -4.04 35.06
CA LEU C 293 -44.26 -4.64 36.06
C LEU C 293 -44.79 -5.78 36.97
N ASP C 294 -45.28 -6.92 36.46
CA ASP C 294 -45.39 -7.26 35.04
C ASP C 294 -44.06 -7.25 34.28
N GLY C 295 -43.88 -6.27 33.39
CA GLY C 295 -42.80 -6.27 32.43
C GLY C 295 -41.41 -6.36 33.02
N PRO C 296 -40.42 -6.63 32.15
CA PRO C 296 -39.06 -6.92 32.61
C PRO C 296 -38.35 -5.76 33.30
N ILE C 297 -38.69 -4.52 32.97
CA ILE C 297 -37.91 -3.38 33.47
C ILE C 297 -37.97 -3.33 35.00
N VAL C 298 -39.16 -3.38 35.58
CA VAL C 298 -39.26 -3.34 37.03
C VAL C 298 -38.76 -4.63 37.64
N LYS C 299 -38.97 -5.77 36.95
CA LYS C 299 -38.49 -7.03 37.48
C LYS C 299 -37.00 -6.98 37.74
N GLN C 300 -36.23 -6.44 36.78
CA GLN C 300 -34.80 -6.25 36.97
C GLN C 300 -34.51 -5.22 38.05
N LEU C 301 -35.24 -4.10 38.06
CA LEU C 301 -34.95 -3.03 39.00
C LEU C 301 -35.29 -3.45 40.43
N GLU C 302 -36.46 -4.07 40.63
CA GLU C 302 -36.84 -4.55 41.95
C GLU C 302 -36.12 -5.83 42.35
N ARG C 303 -35.36 -6.42 41.43
CA ARG C 303 -34.77 -7.74 41.65
C ARG C 303 -33.92 -7.78 42.91
N GLY C 304 -32.83 -7.01 42.94
CA GLY C 304 -31.90 -7.16 44.04
C GLY C 304 -32.40 -6.73 45.40
N GLY C 305 -32.86 -5.49 45.53
CA GLY C 305 -33.33 -5.01 46.81
C GLY C 305 -34.83 -5.09 46.99
N ARG C 306 -35.33 -5.35 48.20
CA ARG C 306 -34.55 -5.82 49.36
C ARG C 306 -33.44 -4.89 49.90
N ALA C 307 -32.19 -5.37 49.85
CA ALA C 307 -31.10 -4.70 50.55
C ALA C 307 -30.90 -3.28 50.06
N VAL C 308 -31.09 -3.05 48.75
CA VAL C 308 -30.86 -1.71 48.19
C VAL C 308 -31.66 -0.69 48.98
N VAL C 309 -32.92 -1.03 49.27
CA VAL C 309 -33.83 -0.16 50.02
C VAL C 309 -33.69 -0.33 51.53
N LYS C 310 -32.88 -1.27 52.01
CA LYS C 310 -32.72 -1.56 53.44
C LYS C 310 -34.08 -1.88 54.09
N MET C 311 -34.63 -3.03 53.68
CA MET C 311 -35.95 -3.48 54.16
C MET C 311 -36.95 -2.36 53.87
N ASP C 312 -37.57 -1.76 54.87
CA ASP C 312 -38.41 -0.59 54.65
C ASP C 312 -37.52 0.66 54.62
N TRP C 313 -37.68 1.48 53.59
CA TRP C 313 -36.86 2.69 53.51
C TRP C 313 -37.39 3.78 54.43
N ARG C 314 -38.70 3.73 54.74
CA ARG C 314 -39.30 4.70 55.64
C ARG C 314 -38.70 4.61 57.05
N GLU C 315 -38.07 3.48 57.39
CA GLU C 315 -37.46 3.32 58.70
C GLU C 315 -36.13 4.04 58.81
N ASN C 316 -35.40 4.17 57.71
CA ASN C 316 -34.04 4.70 57.70
C ASN C 316 -33.96 6.19 57.43
N ILE C 317 -35.10 6.88 57.35
CA ILE C 317 -35.16 8.31 57.07
C ILE C 317 -35.51 9.06 58.34
N THR C 318 -35.01 10.30 58.45
CA THR C 318 -35.13 11.09 59.66
C THR C 318 -36.59 11.40 59.99
N VAL C 319 -36.82 11.77 61.25
CA VAL C 319 -38.19 11.88 61.76
C VAL C 319 -39.05 12.82 60.93
N PRO C 320 -38.57 14.01 60.52
CA PRO C 320 -39.43 14.89 59.72
C PRO C 320 -39.92 14.27 58.42
N LEU C 321 -39.05 13.56 57.70
CA LEU C 321 -39.47 12.95 56.44
C LEU C 321 -40.46 11.81 56.65
N GLN C 322 -40.32 11.04 57.73
CA GLN C 322 -41.26 9.97 58.00
C GLN C 322 -42.68 10.50 58.12
N THR C 323 -42.86 11.59 58.86
CA THR C 323 -44.19 12.13 59.11
C THR C 323 -44.84 12.65 57.83
N ASP C 324 -44.09 13.42 57.03
CA ASP C 324 -44.65 13.98 55.81
C ASP C 324 -45.17 12.87 54.90
N LEU C 325 -44.49 11.72 54.89
CA LEU C 325 -44.93 10.57 54.12
C LEU C 325 -46.16 9.90 54.73
N ARG C 326 -46.53 10.25 55.96
CA ARG C 326 -47.73 9.69 56.57
C ARG C 326 -49.00 10.06 55.82
N LYS C 327 -48.96 11.09 54.98
CA LYS C 327 -50.16 11.50 54.25
C LYS C 327 -50.55 10.46 53.20
N PHE C 328 -49.59 9.89 52.49
CA PHE C 328 -49.88 8.86 51.49
C PHE C 328 -48.68 7.94 51.28
N TYR C 331 -46.86 5.40 49.20
CA TYR C 331 -45.50 4.89 49.06
C TYR C 331 -45.40 3.48 49.64
N LYS C 332 -44.88 2.55 48.84
CA LYS C 332 -44.83 1.14 49.25
C LYS C 332 -43.97 0.97 50.49
N GLY C 333 -42.69 1.36 50.41
CA GLY C 333 -41.74 1.26 51.48
C GLY C 333 -40.75 0.11 51.34
N GLY C 334 -41.13 -0.97 50.65
CA GLY C 334 -40.22 -2.03 50.31
C GLY C 334 -39.84 -2.09 48.86
N SER C 335 -40.20 -1.08 48.06
CA SER C 335 -40.01 -1.07 46.62
C SER C 335 -39.06 0.05 46.22
N VAL C 336 -38.11 -0.27 45.34
CA VAL C 336 -37.21 0.76 44.82
C VAL C 336 -37.99 1.72 43.92
N ARG C 337 -38.95 1.21 43.16
CA ARG C 337 -39.76 2.07 42.29
C ARG C 337 -40.53 3.10 43.13
N ASP C 338 -41.10 2.66 44.25
CA ASP C 338 -41.84 3.59 45.11
C ASP C 338 -40.91 4.61 45.75
N LEU C 339 -39.70 4.20 46.14
CA LEU C 339 -38.73 5.15 46.69
C LEU C 339 -38.34 6.17 45.65
N LEU C 340 -38.10 5.74 44.41
CA LEU C 340 -37.83 6.69 43.34
C LEU C 340 -39.05 7.54 43.05
N ARG C 341 -40.25 6.94 43.13
CA ARG C 341 -41.48 7.70 42.90
C ARG C 341 -41.64 8.79 43.94
N ALA C 342 -41.35 8.48 45.21
CA ALA C 342 -41.46 9.48 46.27
C ALA C 342 -40.46 10.61 46.05
N MET C 343 -39.24 10.27 45.63
CA MET C 343 -38.23 11.31 45.37
C MET C 343 -38.62 12.17 44.18
N ARG C 344 -39.11 11.55 43.09
CA ARG C 344 -39.60 12.33 41.97
C ARG C 344 -40.80 13.18 42.37
N ASN C 345 -41.69 12.62 43.20
CA ASN C 345 -42.86 13.36 43.66
C ASN C 345 -42.48 14.45 44.64
N LYS C 346 -41.65 14.11 45.64
CA LYS C 346 -41.25 15.06 46.67
C LYS C 346 -40.35 16.15 46.13
N LYS C 347 -39.73 15.93 44.97
CA LYS C 347 -38.91 16.97 44.37
C LYS C 347 -39.78 18.08 43.80
N HIS C 348 -40.90 17.73 43.18
CA HIS C 348 -41.79 18.74 42.60
C HIS C 348 -42.39 19.64 43.67
N HIS C 349 -42.69 19.09 44.85
CA HIS C 349 -43.34 19.82 45.94
C HIS C 349 -42.35 20.41 46.94
N TYR C 350 -41.05 20.39 46.66
CA TYR C 350 -40.06 20.85 47.63
C TYR C 350 -40.43 22.21 48.20
N ARG C 351 -40.84 23.13 47.34
CA ARG C 351 -41.25 24.46 47.80
C ARG C 351 -42.50 24.40 48.66
N GLU C 352 -43.33 23.36 48.47
CA GLU C 352 -44.60 23.22 49.18
C GLU C 352 -44.44 22.60 50.56
N LEU C 353 -43.21 22.14 50.92
CA LEU C 353 -42.93 21.36 52.12
C LEU C 353 -42.58 22.25 53.31
N PRO C 354 -42.80 21.75 54.54
CA PRO C 354 -42.40 22.51 55.73
C PRO C 354 -40.90 22.79 55.76
N ALA C 355 -40.55 23.94 56.32
CA ALA C 355 -39.13 24.28 56.51
C ALA C 355 -38.41 23.27 57.39
N GLU C 356 -39.14 22.54 58.24
CA GLU C 356 -38.53 21.45 59.00
C GLU C 356 -38.19 20.29 58.08
N VAL C 357 -39.06 20.02 57.10
CA VAL C 357 -38.77 18.99 56.09
C VAL C 357 -37.68 19.48 55.14
N ARG C 358 -37.83 20.71 54.64
CA ARG C 358 -36.79 21.27 53.77
C ARG C 358 -35.46 21.40 54.50
N GLU C 359 -35.48 21.47 55.84
CA GLU C 359 -34.25 21.58 56.60
C GLU C 359 -33.49 20.26 56.65
N THR C 360 -34.22 19.15 56.85
CA THR C 360 -33.58 17.84 56.96
C THR C 360 -33.21 17.23 55.61
N LEU C 361 -33.62 17.85 54.50
CA LEU C 361 -33.37 17.30 53.17
C LEU C 361 -32.35 18.18 52.45
N GLY C 362 -32.73 19.40 52.10
CA GLY C 362 -31.92 20.26 51.26
C GLY C 362 -30.68 20.77 51.99
N SER C 363 -29.98 21.73 51.39
CA SER C 363 -30.42 22.41 50.16
C SER C 363 -30.30 21.56 48.90
N LEU C 364 -30.97 22.04 47.84
CA LEU C 364 -30.92 21.42 46.52
C LEU C 364 -29.82 22.01 45.65
N PRO C 365 -29.40 21.27 44.60
CA PRO C 365 -29.67 19.85 44.36
C PRO C 365 -28.85 18.92 45.26
N ASP C 366 -27.77 19.44 45.85
CA ASP C 366 -26.72 18.60 46.40
C ASP C 366 -27.10 17.89 47.68
N ASP C 367 -27.30 18.62 48.78
CA ASP C 367 -27.63 17.99 50.05
C ASP C 367 -28.90 17.16 49.97
N PHE C 368 -29.76 17.43 48.97
CA PHE C 368 -30.98 16.65 48.81
C PHE C 368 -30.68 15.23 48.36
N VAL C 369 -29.89 15.08 47.30
CA VAL C 369 -29.60 13.73 46.79
C VAL C 369 -28.73 12.98 47.79
N CYS C 370 -27.77 13.68 48.42
CA CYS C 370 -26.89 13.02 49.37
C CYS C 370 -27.65 12.48 50.56
N TYR C 371 -28.80 13.07 50.87
CA TYR C 371 -29.65 12.53 51.94
C TYR C 371 -30.02 11.08 51.64
N PHE C 372 -30.43 10.80 50.39
CA PHE C 372 -30.87 9.47 50.03
C PHE C 372 -29.69 8.54 49.73
N THR C 373 -28.69 9.04 48.99
CA THR C 373 -27.56 8.19 48.63
C THR C 373 -26.73 7.82 49.85
N SER C 374 -26.64 8.71 50.85
CA SER C 374 -25.93 8.39 52.08
C SER C 374 -26.65 7.32 52.87
N ARG C 375 -27.98 7.42 52.96
CA ARG C 375 -28.77 6.41 53.68
C ARG C 375 -28.91 5.12 52.89
N PHE C 376 -28.81 5.18 51.55
CA PHE C 376 -28.94 4.01 50.68
C PHE C 376 -27.74 3.98 49.75
N PRO C 377 -26.61 3.42 50.22
CA PRO C 377 -25.38 3.51 49.42
C PRO C 377 -25.46 2.72 48.12
N HIS C 378 -26.25 1.67 48.07
CA HIS C 378 -26.41 0.86 46.88
C HIS C 378 -27.53 1.34 45.97
N LEU C 379 -28.19 2.46 46.32
CA LEU C 379 -29.35 2.91 45.56
C LEU C 379 -28.97 3.31 44.14
N LEU C 380 -27.98 4.20 44.00
CA LEU C 380 -27.64 4.71 42.68
C LEU C 380 -27.03 3.63 41.80
N ALA C 381 -26.05 2.89 42.32
CA ALA C 381 -25.40 1.85 41.54
C ALA C 381 -26.41 0.81 41.06
N HIS C 382 -27.30 0.37 41.94
CA HIS C 382 -28.27 -0.65 41.58
C HIS C 382 -29.16 -0.19 40.43
N THR C 383 -29.75 1.00 40.56
CA THR C 383 -30.65 1.50 39.53
C THR C 383 -29.95 1.64 38.18
N TYR C 384 -28.69 2.06 38.19
CA TYR C 384 -27.96 2.29 36.94
C TYR C 384 -27.81 0.99 36.15
N ARG C 385 -27.44 -0.09 36.82
CA ARG C 385 -27.26 -1.36 36.11
C ARG C 385 -28.59 -1.88 35.59
N ALA C 386 -29.66 -1.74 36.39
CA ALA C 386 -30.98 -2.19 35.96
C ALA C 386 -31.45 -1.41 34.74
N MET C 387 -31.05 -0.15 34.62
CA MET C 387 -31.54 0.73 33.57
C MET C 387 -30.69 0.68 32.30
N GLU C 388 -29.67 -0.18 32.23
CA GLU C 388 -28.92 -0.35 30.98
C GLU C 388 -29.83 -0.76 29.83
N LEU C 389 -31.01 -1.28 30.14
CA LEU C 389 -31.95 -1.69 29.08
C LEU C 389 -32.33 -0.51 28.21
N CYS C 390 -32.30 0.70 28.77
CA CYS C 390 -32.65 1.93 28.08
C CYS C 390 -31.43 2.66 27.51
N SER C 391 -30.24 2.06 27.61
CA SER C 391 -29.01 2.76 27.25
C SER C 391 -29.06 3.37 25.86
N HIS C 392 -29.84 2.78 24.95
CA HIS C 392 -29.89 3.26 23.57
C HIS C 392 -30.78 4.47 23.39
N GLU C 393 -31.71 4.72 24.32
CA GLU C 393 -32.67 5.82 24.17
C GLU C 393 -31.97 7.18 24.19
N ARG C 394 -32.59 8.15 23.51
CA ARG C 394 -32.02 9.50 23.45
C ARG C 394 -32.09 10.18 24.80
N LEU C 395 -33.08 9.84 25.63
CA LEU C 395 -33.18 10.47 26.95
C LEU C 395 -32.05 10.02 27.85
N PHE C 396 -31.62 8.77 27.71
CA PHE C 396 -30.53 8.21 28.51
C PHE C 396 -29.19 8.28 27.79
N GLN C 397 -29.13 8.86 26.59
CA GLN C 397 -27.86 9.03 25.90
C GLN C 397 -26.81 9.72 26.76
N PRO C 398 -27.14 10.69 27.62
CA PRO C 398 -26.11 11.26 28.49
C PRO C 398 -25.56 10.26 29.49
N TYR C 399 -26.35 9.29 29.93
CA TYR C 399 -25.97 8.37 30.99
C TYR C 399 -25.28 7.10 30.48
N TYR C 400 -25.33 6.80 29.18
CA TYR C 400 -24.77 5.56 28.66
C TYR C 400 -24.06 5.83 27.33
N PHE C 401 -23.13 4.94 27.00
CA PHE C 401 -22.42 5.03 25.72
C PHE C 401 -23.26 4.37 24.64
N HIS C 402 -23.59 5.11 23.59
CA HIS C 402 -24.47 4.59 22.54
C HIS C 402 -23.74 3.72 21.52
N GLU C 403 -22.42 3.76 21.48
CA GLU C 403 -21.65 2.97 20.51
C GLU C 403 -22.06 3.30 19.07
#